data_6MEI
#
_entry.id   6MEI
#
_cell.length_a   65.810
_cell.length_b   75.790
_cell.length_c   173.999
_cell.angle_alpha   90.000
_cell.angle_beta   90.000
_cell.angle_gamma   90.000
#
_symmetry.space_group_name_H-M   'P 21 21 21'
#
loop_
_entity.id
_entity.type
_entity.pdbx_description
1 polymer 'E2 glycoprotein'
2 polymer 'antibody HEPC3 Heavy Chain'
3 polymer 'antibody HEPC3 Light Chain'
4 branched 2-acetamido-2-deoxy-beta-D-glucopyranose-(1-4)-2-acetamido-2-deoxy-beta-D-glucopyranose
5 branched beta-D-mannopyranose-(1-4)-2-acetamido-2-deoxy-beta-D-glucopyranose-(1-4)-2-acetamido-2-deoxy-beta-D-glucopyranose
6 non-polymer 2-acetamido-2-deoxy-beta-D-glucopyranose
7 non-polymer 'BROMIDE ION'
8 water water
#
loop_
_entity_poly.entity_id
_entity_poly.type
_entity_poly.pdbx_seq_one_letter_code
_entity_poly.pdbx_strand_id
1 'polypeptide(L)'
;STHVTGGTASHTTRHFASLFSSGASQRVQLINTNGSWHINRTALNCNDSLHTGFLAALFYTHKFNASGCPERMAHCRPID
EFAQGWGPITYAEGHGSDQRPYCWHYAPRQCGTIPASQVCGPVYCFTPSPVVVGTTDRFGAPTYTWGENETDVLILNNTR
PPQGNWFGCTWMNSTGFTKTCGGPPCNIGGVGNNTLTCPTDCFRKHPEATYTKCGSGPWLTPRCLVDYPYRLWHYPCTVN
FTIFKVRMYVGGVEHRLNAACNIGHHHHHH
;
C
2 'polypeptide(L)'
;QVQLVQSGAEVKKPGSSVKVSCKASGGTLNSYEITWVRQAPGQGLEWMGGITPIFETTYAQKFQGRVTITADESTSTTYM
ELSSLRPEDTAVYYCARDGVRYCGGGRCYNWFDPWGQGTLVTVSSASTKGPSVFPLAPSSKSTSGGTAALGCLVKDYFPE
PVTVSWNSGALTSGVHTFPAVLQSSGLYSLSSVVTVPSSSLGTQTYICNVNHKPSNTKVDKRVEPKSCDKTAGWSHPQFE
K
;
H
3 'polypeptide(L)'
;DIQMTQSPSSLSASVGDRVTITCRAGQNINNYLNWYQQKPGKAPKVLIYAASNLQSGVPSRFSGSGSGTDFTLTISSLQP
EDFATYYCQQSHSTVRTFGQGTKVEIKRTVAAPSVFIFPPSDEQLKSGTASVVCLLNNFYPREAKVQWKVDNALQSGNSQ
ESVTEQDSKDSTYSLSSTLTLSKADYEKHKVYACEVTHQGLSSPVTKSFNRGEC
;
L
#
loop_
_chem_comp.id
_chem_comp.type
_chem_comp.name
_chem_comp.formula
BMA D-saccharide, beta linking beta-D-mannopyranose 'C6 H12 O6'
BR non-polymer 'BROMIDE ION' 'Br -1'
NAG D-saccharide, beta linking 2-acetamido-2-deoxy-beta-D-glucopyranose 'C8 H15 N O6'
#
# COMPACT_ATOMS: atom_id res chain seq x y z
N ARG A 27 19.96 -1.30 -23.72
CA ARG A 27 18.55 -0.95 -23.83
C ARG A 27 17.69 -2.20 -24.02
N VAL A 28 18.28 -3.22 -24.63
CA VAL A 28 17.55 -4.47 -24.88
C VAL A 28 16.95 -5.00 -23.58
N GLN A 29 17.81 -5.34 -22.63
CA GLN A 29 17.39 -5.83 -21.32
C GLN A 29 18.12 -4.98 -20.27
N LEU A 30 17.42 -4.00 -19.71
CA LEU A 30 18.04 -3.09 -18.76
C LEU A 30 18.55 -3.80 -17.52
N ILE A 31 17.93 -4.91 -17.15
CA ILE A 31 18.38 -5.79 -16.06
C ILE A 31 18.78 -7.11 -16.69
N ASN A 32 20.00 -7.56 -16.47
CA ASN A 32 20.52 -8.71 -17.18
C ASN A 32 19.93 -10.00 -16.60
N THR A 33 20.44 -11.14 -17.06
CA THR A 33 19.96 -12.45 -16.62
C THR A 33 20.26 -12.71 -15.15
N ASN A 34 21.22 -11.98 -14.59
CA ASN A 34 21.67 -12.20 -13.22
C ASN A 34 21.07 -11.20 -12.24
N GLY A 35 19.99 -10.55 -12.61
CA GLY A 35 19.33 -9.58 -11.75
C GLY A 35 19.94 -8.18 -11.74
N SER A 36 21.16 -8.00 -12.26
CA SER A 36 21.87 -6.74 -12.16
C SER A 36 21.67 -5.87 -13.40
N TRP A 37 21.77 -4.56 -13.19
CA TRP A 37 21.82 -3.60 -14.29
C TRP A 37 22.86 -4.02 -15.33
N HIS A 38 22.56 -3.76 -16.60
CA HIS A 38 23.36 -4.34 -17.67
C HIS A 38 24.72 -3.65 -17.86
N ILE A 39 24.83 -2.38 -17.48
CA ILE A 39 26.08 -1.64 -17.55
C ILE A 39 26.56 -1.44 -16.12
N ASN A 40 27.67 -2.08 -15.74
CA ASN A 40 28.09 -1.96 -14.35
C ASN A 40 28.99 -0.77 -14.09
N ARG A 41 29.30 0.03 -15.09
CA ARG A 41 29.93 1.32 -14.85
C ARG A 41 28.92 2.43 -14.62
N THR A 42 27.63 2.11 -14.55
CA THR A 42 26.58 3.10 -14.33
C THR A 42 26.24 3.19 -12.84
N ALA A 43 26.25 4.40 -12.30
CA ALA A 43 25.84 4.57 -10.91
C ALA A 43 24.34 4.35 -10.79
N LEU A 44 23.95 3.42 -9.93
CA LEU A 44 22.55 3.02 -9.78
C LEU A 44 22.14 3.08 -8.30
N ASN A 45 22.17 4.28 -7.73
CA ASN A 45 21.67 4.52 -6.38
C ASN A 45 20.36 5.29 -6.50
N CYS A 46 19.27 4.57 -6.67
CA CYS A 46 17.96 5.16 -6.84
C CYS A 46 17.08 4.84 -5.64
N ASN A 47 16.23 5.80 -5.25
CA ASN A 47 15.40 5.71 -4.04
C ASN A 47 14.16 6.57 -4.28
N ASP A 48 13.03 5.94 -4.62
CA ASP A 48 11.82 6.71 -4.92
C ASP A 48 10.97 6.90 -3.66
N SER A 49 11.52 7.64 -2.71
CA SER A 49 10.89 7.82 -1.40
C SER A 49 9.81 8.90 -1.39
N LEU A 50 9.75 9.73 -2.44
CA LEU A 50 8.77 10.80 -2.54
C LEU A 50 7.60 10.43 -3.44
N HIS A 51 7.49 9.16 -3.83
CA HIS A 51 6.35 8.69 -4.62
C HIS A 51 6.14 9.52 -5.88
N THR A 52 7.22 9.73 -6.63
CA THR A 52 7.10 10.40 -7.92
C THR A 52 7.11 9.42 -9.09
N GLY A 53 7.41 8.14 -8.84
CA GLY A 53 7.37 7.16 -9.91
C GLY A 53 8.41 7.39 -10.99
N PHE A 54 9.44 8.17 -10.70
CA PHE A 54 10.49 8.42 -11.68
C PHE A 54 11.26 7.13 -11.96
N LEU A 55 11.27 6.20 -11.00
CA LEU A 55 12.03 4.98 -11.17
C LEU A 55 11.31 3.98 -12.05
N ALA A 56 9.98 3.97 -12.03
CA ALA A 56 9.26 3.14 -12.98
C ALA A 56 9.39 3.68 -14.39
N ALA A 57 9.42 5.02 -14.52
CA ALA A 57 9.63 5.64 -15.82
C ALA A 57 10.97 5.23 -16.41
N LEU A 58 11.92 4.82 -15.57
CA LEU A 58 13.21 4.37 -16.06
C LEU A 58 13.06 3.11 -16.90
N PHE A 59 12.08 2.27 -16.58
CA PHE A 59 11.86 0.99 -17.25
C PHE A 59 10.72 1.04 -18.25
N TYR A 60 10.00 2.16 -18.34
CA TYR A 60 8.82 2.23 -19.20
C TYR A 60 8.66 3.67 -19.72
N THR A 61 9.70 4.20 -20.35
CA THR A 61 9.78 5.64 -20.54
C THR A 61 8.80 6.15 -21.60
N HIS A 62 8.33 5.30 -22.50
CA HIS A 62 7.30 5.76 -23.42
C HIS A 62 5.91 5.67 -22.80
N LYS A 63 5.81 5.34 -21.52
CA LYS A 63 4.57 5.40 -20.77
C LYS A 63 4.45 6.67 -19.96
N PHE A 64 5.41 7.59 -20.07
CA PHE A 64 5.35 8.88 -19.38
C PHE A 64 4.02 9.56 -19.62
N ASN A 65 3.39 10.01 -18.54
CA ASN A 65 2.13 10.72 -18.62
C ASN A 65 2.45 12.20 -18.87
N ALA A 66 2.08 12.67 -20.06
CA ALA A 66 2.47 14.00 -20.52
C ALA A 66 1.46 15.09 -20.20
N SER A 67 0.40 14.76 -19.45
CA SER A 67 -0.68 15.73 -19.27
C SER A 67 -0.31 16.88 -18.34
N GLY A 68 0.83 16.82 -17.66
CA GLY A 68 1.25 17.94 -16.85
C GLY A 68 2.23 18.84 -17.56
N CYS A 69 2.66 18.42 -18.75
CA CYS A 69 3.66 19.17 -19.50
C CYS A 69 3.21 20.57 -19.91
N PRO A 70 1.97 20.81 -20.35
CA PRO A 70 1.60 22.18 -20.72
C PRO A 70 1.76 23.18 -19.60
N GLU A 71 1.64 22.74 -18.35
CA GLU A 71 1.80 23.67 -17.24
C GLU A 71 3.26 23.85 -16.87
N ARG A 72 4.02 22.76 -16.86
CA ARG A 72 5.44 22.85 -16.53
C ARG A 72 6.19 23.70 -17.55
N MET A 73 5.88 23.50 -18.84
CA MET A 73 6.56 24.23 -19.90
C MET A 73 6.11 25.67 -20.02
N ALA A 74 4.97 26.02 -19.43
CA ALA A 74 4.53 27.41 -19.47
C ALA A 74 5.37 28.30 -18.58
N HIS A 75 6.13 27.72 -17.63
CA HIS A 75 7.00 28.52 -16.78
C HIS A 75 8.20 29.07 -17.53
N CYS A 76 8.64 28.39 -18.59
CA CYS A 76 9.79 28.85 -19.36
C CYS A 76 9.36 29.92 -20.35
N ARG A 77 10.10 31.03 -20.38
CA ARG A 77 9.79 32.11 -21.31
C ARG A 77 10.59 31.93 -22.60
N PRO A 78 9.99 32.20 -23.76
CA PRO A 78 10.76 32.20 -25.00
C PRO A 78 11.82 33.30 -24.99
N ILE A 79 12.81 33.14 -25.87
CA ILE A 79 13.95 34.05 -25.89
C ILE A 79 13.53 35.46 -26.32
N ASP A 80 12.52 35.56 -27.20
CA ASP A 80 12.03 36.86 -27.63
C ASP A 80 11.46 37.69 -26.47
N GLU A 81 11.07 37.04 -25.37
CA GLU A 81 10.63 37.77 -24.18
C GLU A 81 11.79 38.46 -23.48
N PHE A 82 13.03 38.04 -23.74
CA PHE A 82 14.18 38.53 -23.01
C PHE A 82 14.69 39.85 -23.58
N ALA A 83 15.43 40.58 -22.74
CA ALA A 83 15.91 41.89 -23.15
C ALA A 83 17.14 41.76 -24.04
N GLN A 84 17.27 42.70 -24.98
CA GLN A 84 18.44 42.72 -25.85
C GLN A 84 19.71 42.96 -25.03
N GLY A 85 20.77 42.23 -25.36
CA GLY A 85 22.05 42.43 -24.72
C GLY A 85 22.96 43.38 -25.51
N TRP A 86 24.12 43.68 -24.92
CA TRP A 86 25.02 44.67 -25.50
C TRP A 86 26.39 44.54 -24.85
N GLY A 87 27.35 45.27 -25.40
CA GLY A 87 28.68 45.32 -24.87
C GLY A 87 29.42 44.01 -25.05
N PRO A 88 30.59 43.90 -24.45
CA PRO A 88 31.35 42.64 -24.51
C PRO A 88 30.80 41.61 -23.54
N ILE A 89 31.13 40.35 -23.83
CA ILE A 89 30.54 39.20 -23.16
C ILE A 89 31.49 38.73 -22.07
N THR A 90 30.97 38.53 -20.87
CA THR A 90 31.72 37.95 -19.77
C THR A 90 31.03 36.65 -19.33
N TYR A 91 31.53 36.03 -18.27
CA TYR A 91 31.03 34.73 -17.84
C TYR A 91 30.38 34.80 -16.47
N ALA A 92 29.65 33.76 -16.14
CA ALA A 92 28.72 33.76 -15.03
C ALA A 92 29.37 33.13 -13.80
N GLU A 93 29.65 33.96 -12.80
CA GLU A 93 30.20 33.51 -11.52
C GLU A 93 29.33 33.94 -10.35
N GLY A 94 28.06 34.24 -10.58
CA GLY A 94 27.19 34.72 -9.51
C GLY A 94 26.61 33.62 -8.63
N HIS A 95 26.14 32.55 -9.27
CA HIS A 95 25.49 31.42 -8.61
C HIS A 95 24.23 31.88 -7.87
N GLY A 96 23.28 32.41 -8.64
CA GLY A 96 22.00 32.82 -8.08
C GLY A 96 21.04 31.65 -7.93
N SER A 97 20.06 31.86 -7.05
CA SER A 97 19.08 30.82 -6.71
C SER A 97 18.19 30.46 -7.89
N ASP A 98 18.78 29.81 -8.89
CA ASP A 98 18.04 29.42 -10.07
C ASP A 98 17.40 28.06 -9.88
N GLN A 99 16.27 27.87 -10.56
CA GLN A 99 15.51 26.64 -10.54
C GLN A 99 15.14 26.26 -11.97
N ARG A 100 14.67 25.01 -12.10
CA ARG A 100 14.01 24.48 -13.28
C ARG A 100 15.00 24.21 -14.41
N PRO A 101 15.82 23.17 -14.30
CA PRO A 101 16.75 22.86 -15.41
C PRO A 101 16.04 22.44 -16.69
N TYR A 102 14.75 22.12 -16.65
CA TYR A 102 14.06 21.73 -17.87
C TYR A 102 13.89 22.89 -18.84
N CYS A 103 14.07 24.13 -18.38
CA CYS A 103 14.00 25.28 -19.27
C CYS A 103 15.36 25.50 -19.93
N TRP A 104 15.33 25.91 -21.20
CA TRP A 104 16.56 26.14 -21.95
C TRP A 104 17.40 27.25 -21.34
N HIS A 105 16.77 28.29 -20.79
CA HIS A 105 17.50 29.43 -20.27
C HIS A 105 18.03 29.23 -18.85
N TYR A 106 17.97 28.00 -18.32
CA TYR A 106 18.56 27.71 -17.02
C TYR A 106 20.07 27.88 -17.09
N ALA A 107 20.62 28.74 -16.23
CA ALA A 107 22.06 28.90 -16.10
C ALA A 107 22.59 27.88 -15.10
N PRO A 108 23.51 26.98 -15.49
CA PRO A 108 24.06 26.04 -14.51
C PRO A 108 25.38 26.51 -13.89
N ARG A 109 25.84 25.80 -12.87
CA ARG A 109 27.17 26.03 -12.35
C ARG A 109 28.16 25.12 -13.06
N GLN A 110 29.43 25.49 -13.04
CA GLN A 110 30.43 24.70 -13.74
C GLN A 110 30.48 23.29 -13.18
N CYS A 111 30.68 22.32 -14.06
CA CYS A 111 30.73 20.93 -13.62
C CYS A 111 31.96 20.66 -12.76
N GLY A 112 31.80 19.78 -11.78
CA GLY A 112 32.90 19.25 -11.00
C GLY A 112 32.82 17.74 -10.90
N THR A 113 33.33 17.21 -9.79
CA THR A 113 33.22 15.78 -9.51
C THR A 113 32.03 15.58 -8.57
N ILE A 114 31.20 14.61 -8.88
CA ILE A 114 30.03 14.32 -8.05
C ILE A 114 30.11 12.89 -7.55
N PRO A 115 29.72 12.61 -6.31
CA PRO A 115 29.86 11.25 -5.79
C PRO A 115 28.76 10.33 -6.31
N ALA A 116 29.14 9.07 -6.53
CA ALA A 116 28.21 8.12 -7.12
C ALA A 116 27.01 7.86 -6.23
N SER A 117 27.11 8.15 -4.94
CA SER A 117 26.03 7.82 -4.03
C SER A 117 24.79 8.63 -4.30
N GLN A 118 24.90 9.71 -5.05
CA GLN A 118 23.77 10.60 -5.29
C GLN A 118 23.27 10.52 -6.72
N VAL A 119 23.79 9.59 -7.52
CA VAL A 119 23.53 9.54 -8.95
C VAL A 119 22.72 8.29 -9.27
N CYS A 120 21.69 8.45 -10.08
CA CYS A 120 20.80 7.35 -10.42
C CYS A 120 20.68 7.31 -11.94
N GLY A 121 21.40 6.39 -12.57
CA GLY A 121 21.36 6.23 -14.01
C GLY A 121 22.63 6.67 -14.71
N PRO A 122 22.65 6.58 -16.03
CA PRO A 122 23.81 7.04 -16.78
C PRO A 122 23.94 8.55 -16.77
N VAL A 123 25.18 9.01 -16.76
CA VAL A 123 25.50 10.44 -16.88
C VAL A 123 25.91 10.71 -18.33
N TYR A 124 25.27 11.67 -18.97
CA TYR A 124 25.65 12.09 -20.31
C TYR A 124 26.23 13.50 -20.26
N CYS A 125 27.37 13.70 -20.91
CA CYS A 125 27.90 15.02 -21.21
C CYS A 125 27.89 15.22 -22.71
N PHE A 126 27.96 16.49 -23.12
CA PHE A 126 27.64 16.91 -24.47
C PHE A 126 28.78 17.72 -25.05
N THR A 127 29.34 17.23 -26.15
CA THR A 127 30.59 17.70 -26.72
C THR A 127 30.49 18.68 -27.88
N PRO A 128 29.28 19.04 -28.39
CA PRO A 128 27.85 18.84 -28.10
C PRO A 128 27.34 17.40 -28.24
N SER A 129 28.06 16.54 -28.95
CA SER A 129 27.60 15.17 -29.13
C SER A 129 27.55 14.48 -27.77
N PRO A 130 26.64 13.54 -27.58
CA PRO A 130 26.51 12.92 -26.25
C PRO A 130 27.59 11.88 -26.00
N VAL A 131 28.03 11.83 -24.74
CA VAL A 131 28.97 10.82 -24.27
C VAL A 131 28.65 10.50 -22.82
N VAL A 132 28.85 9.25 -22.45
CA VAL A 132 28.57 8.77 -21.11
C VAL A 132 29.85 8.77 -20.29
N VAL A 133 29.74 9.24 -19.05
CA VAL A 133 30.84 9.22 -18.09
C VAL A 133 30.57 8.10 -17.12
N GLY A 134 31.32 7.00 -17.22
CA GLY A 134 31.16 5.91 -16.28
C GLY A 134 31.68 6.31 -14.91
N THR A 135 31.48 5.42 -13.95
CA THR A 135 31.99 5.63 -12.60
C THR A 135 33.47 5.31 -12.55
N THR A 136 34.21 6.09 -11.76
CA THR A 136 35.63 5.86 -11.49
C THR A 136 35.89 5.99 -10.00
N ASP A 137 37.10 5.63 -9.57
CA ASP A 137 37.51 6.03 -8.23
C ASP A 137 37.98 7.48 -8.28
N ARG A 138 38.43 8.00 -7.15
CA ARG A 138 38.75 9.42 -7.09
C ARG A 138 39.97 9.76 -7.93
N PHE A 139 40.78 8.77 -8.30
CA PHE A 139 41.96 9.01 -9.13
C PHE A 139 41.71 8.66 -10.59
N GLY A 140 40.45 8.54 -11.01
CA GLY A 140 40.11 8.31 -12.40
C GLY A 140 40.18 6.86 -12.88
N ALA A 141 40.68 5.93 -12.09
CA ALA A 141 40.67 4.53 -12.52
C ALA A 141 39.22 4.05 -12.64
N PRO A 142 38.89 3.27 -13.67
CA PRO A 142 37.50 2.84 -13.83
C PRO A 142 37.10 1.90 -12.71
N THR A 143 35.84 2.01 -12.28
CA THR A 143 35.26 1.11 -11.31
C THR A 143 33.97 0.54 -11.88
N TYR A 144 33.57 -0.63 -11.37
CA TYR A 144 32.54 -1.44 -12.01
C TYR A 144 31.58 -2.06 -10.99
N THR A 145 31.05 -1.28 -10.07
CA THR A 145 30.15 -1.84 -9.05
C THR A 145 28.86 -1.06 -8.96
N TRP A 146 28.40 -0.50 -10.09
CA TRP A 146 27.19 0.28 -10.17
C TRP A 146 27.17 1.43 -9.17
N GLY A 147 28.33 1.92 -8.76
CA GLY A 147 28.39 3.04 -7.84
C GLY A 147 27.96 2.74 -6.42
N GLU A 148 28.18 1.53 -5.93
CA GLU A 148 27.83 1.23 -4.55
C GLU A 148 28.93 1.57 -3.57
N ASN A 149 30.15 1.80 -4.03
CA ASN A 149 31.20 2.21 -3.13
C ASN A 149 31.02 3.67 -2.77
N GLU A 150 31.17 4.00 -1.49
CA GLU A 150 30.95 5.38 -1.06
C GLU A 150 32.04 6.32 -1.59
N THR A 151 33.11 5.79 -2.16
CA THR A 151 34.18 6.61 -2.73
C THR A 151 34.18 6.63 -4.25
N ASP A 152 33.23 5.96 -4.90
CA ASP A 152 33.12 6.06 -6.35
C ASP A 152 32.56 7.42 -6.75
N VAL A 153 33.12 7.99 -7.81
CA VAL A 153 32.74 9.32 -8.26
C VAL A 153 32.53 9.31 -9.76
N LEU A 154 32.06 10.45 -10.28
CA LEU A 154 31.92 10.68 -11.72
C LEU A 154 32.58 12.02 -12.02
N ILE A 155 33.71 11.98 -12.70
CA ILE A 155 34.56 13.15 -12.87
C ILE A 155 34.03 13.93 -14.06
N LEU A 156 33.18 14.92 -13.80
CA LEU A 156 32.48 15.66 -14.84
C LEU A 156 33.10 17.01 -15.16
N ASN A 157 34.18 17.39 -14.47
CA ASN A 157 34.84 18.68 -14.69
C ASN A 157 34.94 19.01 -16.17
N ASN A 158 34.49 20.21 -16.53
CA ASN A 158 34.36 20.58 -17.93
C ASN A 158 35.07 21.89 -18.23
N THR A 159 35.74 21.93 -19.37
CA THR A 159 36.11 23.18 -20.02
C THR A 159 35.61 23.11 -21.45
N ARG A 160 35.25 24.26 -22.01
CA ARG A 160 34.57 24.25 -23.31
C ARG A 160 35.54 23.86 -24.43
N PRO A 161 35.15 22.94 -25.31
CA PRO A 161 36.02 22.53 -26.42
C PRO A 161 36.15 23.63 -27.47
N PRO A 162 37.15 23.56 -28.35
CA PRO A 162 38.10 22.47 -28.65
C PRO A 162 39.16 22.19 -27.59
N GLN A 163 39.57 23.21 -26.82
CA GLN A 163 40.53 22.98 -25.74
C GLN A 163 40.01 21.93 -24.77
N GLY A 164 38.77 22.11 -24.30
CA GLY A 164 38.21 21.27 -23.27
C GLY A 164 37.60 19.98 -23.80
N ASN A 165 36.68 19.45 -23.00
CA ASN A 165 36.07 18.15 -23.26
C ASN A 165 34.59 18.24 -23.61
N TRP A 166 33.78 18.98 -22.85
CA TRP A 166 32.36 19.08 -23.15
C TRP A 166 31.80 20.35 -22.51
N PHE A 167 30.62 20.73 -23.01
CA PHE A 167 30.00 21.97 -22.58
C PHE A 167 29.26 21.83 -21.26
N GLY A 168 28.71 20.65 -21.00
CA GLY A 168 27.89 20.45 -19.82
C GLY A 168 27.35 19.04 -19.79
N CYS A 169 26.69 18.70 -18.69
CA CYS A 169 26.27 17.33 -18.43
C CYS A 169 24.88 17.33 -17.83
N THR A 170 24.24 16.16 -17.86
CA THR A 170 22.92 16.01 -17.29
C THR A 170 22.74 14.59 -16.78
N TRP A 171 22.25 14.48 -15.55
CA TRP A 171 21.99 13.18 -14.93
C TRP A 171 20.81 13.33 -13.99
N MET A 172 20.44 12.23 -13.36
CA MET A 172 19.33 12.17 -12.43
C MET A 172 19.85 11.80 -11.06
N ASN A 173 19.41 12.49 -10.02
CA ASN A 173 19.91 12.15 -8.70
C ASN A 173 19.00 11.12 -8.03
N SER A 174 19.50 10.57 -6.91
CA SER A 174 18.85 9.44 -6.24
C SER A 174 17.34 9.64 -6.09
N THR A 175 16.93 10.80 -5.57
CA THR A 175 15.50 11.00 -5.28
C THR A 175 14.68 11.35 -6.52
N GLY A 176 15.31 11.58 -7.68
CA GLY A 176 14.59 11.67 -8.93
C GLY A 176 14.46 13.05 -9.53
N PHE A 177 15.50 13.87 -9.38
CA PHE A 177 15.50 15.22 -9.91
C PHE A 177 16.53 15.33 -11.02
N THR A 178 16.14 15.95 -12.14
CA THR A 178 17.12 16.21 -13.17
C THR A 178 18.10 17.27 -12.66
N LYS A 179 19.35 16.85 -12.50
CA LYS A 179 20.45 17.75 -12.23
C LYS A 179 21.24 18.01 -13.50
N THR A 180 21.82 19.20 -13.60
CA THR A 180 22.65 19.54 -14.75
C THR A 180 23.67 20.59 -14.35
N CYS A 181 24.80 20.57 -15.06
CA CYS A 181 25.90 21.49 -14.85
C CYS A 181 26.51 21.84 -16.20
N GLY A 182 27.44 22.79 -16.17
CA GLY A 182 28.25 23.10 -17.33
C GLY A 182 28.51 24.58 -17.51
N GLY A 183 29.26 24.91 -18.55
CA GLY A 183 29.56 26.29 -18.85
C GLY A 183 30.90 26.76 -18.35
N PRO A 184 30.93 27.90 -17.64
CA PRO A 184 29.79 28.70 -17.18
C PRO A 184 29.01 29.41 -18.30
N PRO A 185 27.76 29.78 -18.03
CA PRO A 185 27.01 30.55 -19.02
C PRO A 185 27.60 31.94 -19.26
N CYS A 186 26.93 32.74 -20.08
CA CYS A 186 27.45 34.04 -20.51
C CYS A 186 26.65 35.18 -19.93
N ASN A 187 27.32 36.32 -19.75
CA ASN A 187 26.69 37.58 -19.42
C ASN A 187 26.63 38.43 -20.66
N ILE A 188 25.42 38.66 -21.18
CA ILE A 188 25.24 39.34 -22.46
C ILE A 188 24.90 40.82 -22.30
N GLY A 189 25.05 41.37 -21.11
CA GLY A 189 24.78 42.78 -20.89
C GLY A 189 23.49 42.99 -20.11
N GLY A 190 23.51 43.95 -19.20
CA GLY A 190 22.38 44.20 -18.33
C GLY A 190 22.32 43.23 -17.17
N VAL A 191 21.53 43.59 -16.16
CA VAL A 191 21.40 42.80 -14.95
C VAL A 191 20.07 43.13 -14.29
N GLY A 192 19.33 42.10 -13.90
CA GLY A 192 18.11 42.31 -13.15
C GLY A 192 16.91 41.51 -13.59
N ASN A 193 15.77 42.20 -13.74
CA ASN A 193 14.49 41.53 -13.95
C ASN A 193 14.51 40.64 -15.19
N ASN A 194 14.87 41.22 -16.33
CA ASN A 194 14.81 40.50 -17.59
C ASN A 194 16.20 40.42 -18.23
N THR A 195 17.15 39.82 -17.52
CA THR A 195 18.47 39.60 -18.07
C THR A 195 18.61 38.13 -18.48
N LEU A 196 19.15 37.90 -19.67
CA LEU A 196 19.39 36.56 -20.15
C LEU A 196 20.85 36.19 -19.89
N THR A 197 21.06 35.25 -18.98
CA THR A 197 22.36 34.62 -18.80
C THR A 197 22.42 33.44 -19.77
N CYS A 198 23.08 33.64 -20.90
CA CYS A 198 22.93 32.75 -22.04
C CYS A 198 23.73 31.45 -21.84
N PRO A 199 23.07 30.28 -21.83
CA PRO A 199 23.80 29.02 -21.77
C PRO A 199 23.70 28.22 -23.05
N THR A 200 23.39 28.88 -24.16
CA THR A 200 23.17 28.21 -25.45
C THR A 200 23.56 29.20 -26.54
N ASP A 201 23.10 28.96 -27.75
CA ASP A 201 23.27 29.94 -28.83
C ASP A 201 22.15 30.98 -28.72
N CYS A 202 22.50 32.17 -28.24
CA CYS A 202 21.56 33.28 -28.15
C CYS A 202 21.95 34.42 -29.08
N PHE A 203 22.30 34.11 -30.32
CA PHE A 203 22.69 35.22 -31.19
C PHE A 203 21.52 36.10 -31.57
N ARG A 204 20.28 35.70 -31.24
CA ARG A 204 19.13 36.58 -31.41
C ARG A 204 19.24 37.80 -30.50
N LYS A 205 19.75 37.60 -29.28
CA LYS A 205 19.88 38.68 -28.31
C LYS A 205 21.28 39.26 -28.23
N HIS A 206 22.30 38.50 -28.66
CA HIS A 206 23.66 39.03 -28.69
C HIS A 206 24.44 38.39 -29.83
N PRO A 207 24.85 39.16 -30.84
CA PRO A 207 25.43 38.55 -32.05
C PRO A 207 26.67 37.72 -31.82
N GLU A 208 27.32 37.85 -30.67
CA GLU A 208 28.44 37.01 -30.32
C GLU A 208 28.06 35.88 -29.37
N ALA A 209 26.79 35.77 -29.00
CA ALA A 209 26.39 34.75 -28.03
C ALA A 209 26.18 33.40 -28.72
N THR A 210 27.21 32.94 -29.41
CA THR A 210 27.09 31.68 -30.13
C THR A 210 27.15 30.53 -29.14
N TYR A 211 26.81 29.33 -29.63
CA TYR A 211 26.84 28.16 -28.76
C TYR A 211 28.26 27.89 -28.28
N THR A 212 29.23 27.89 -29.20
CA THR A 212 30.61 27.60 -28.80
C THR A 212 31.09 28.59 -27.74
N LYS A 213 30.67 29.84 -27.83
CA LYS A 213 31.03 30.81 -26.81
C LYS A 213 30.19 30.65 -25.55
N CYS A 214 28.96 30.18 -25.67
CA CYS A 214 28.05 30.21 -24.54
C CYS A 214 27.30 28.91 -24.27
N GLY A 215 27.43 27.89 -25.12
CA GLY A 215 26.78 26.62 -24.83
C GLY A 215 27.31 26.00 -23.55
N SER A 216 26.38 25.47 -22.75
CA SER A 216 26.66 24.95 -21.41
C SER A 216 25.96 23.61 -21.18
N GLY A 217 25.65 22.88 -22.24
CA GLY A 217 25.01 21.60 -22.09
C GLY A 217 24.27 21.18 -23.33
N PRO A 218 23.17 20.45 -23.14
CA PRO A 218 22.48 19.87 -24.28
C PRO A 218 21.68 20.88 -25.10
N TRP A 219 21.37 22.05 -24.57
CA TRP A 219 20.48 22.98 -25.28
C TRP A 219 21.24 23.68 -26.40
N LEU A 220 20.92 23.31 -27.63
CA LEU A 220 21.59 23.84 -28.81
C LEU A 220 21.07 25.22 -29.22
N THR A 221 19.78 25.49 -29.02
CA THR A 221 19.13 26.79 -29.23
C THR A 221 18.10 26.97 -28.12
N PRO A 222 17.42 28.13 -28.02
CA PRO A 222 16.28 28.23 -27.10
C PRO A 222 15.18 27.17 -27.33
N ARG A 223 15.24 26.40 -28.41
CA ARG A 223 14.16 25.48 -28.70
C ARG A 223 14.64 24.10 -29.15
N CYS A 224 15.94 23.81 -29.07
CA CYS A 224 16.52 22.53 -29.47
C CYS A 224 17.45 22.02 -28.38
N LEU A 225 17.32 20.74 -28.02
CA LEU A 225 18.31 20.11 -27.17
C LEU A 225 18.77 18.83 -27.84
N VAL A 226 19.99 18.41 -27.47
CA VAL A 226 20.61 17.28 -28.13
C VAL A 226 19.82 16.01 -27.83
N ASP A 227 19.55 15.22 -28.86
CA ASP A 227 18.89 13.95 -28.65
C ASP A 227 19.93 12.93 -28.22
N TYR A 228 19.62 12.19 -27.17
CA TYR A 228 20.48 11.14 -26.64
C TYR A 228 19.59 10.08 -26.01
N PRO A 229 20.12 8.88 -25.75
CA PRO A 229 19.24 7.76 -25.34
C PRO A 229 18.36 8.02 -24.12
N TYR A 230 18.73 8.97 -23.25
CA TYR A 230 17.97 9.20 -22.00
C TYR A 230 17.35 10.58 -21.93
N ARG A 231 17.36 11.34 -23.04
CA ARG A 231 16.65 12.60 -23.10
C ARG A 231 15.22 12.46 -22.58
N LEU A 232 14.49 11.45 -23.06
CA LEU A 232 13.09 11.29 -22.68
C LEU A 232 12.90 11.00 -21.20
N TRP A 233 13.94 10.57 -20.49
CA TRP A 233 13.88 10.35 -19.05
C TRP A 233 14.35 11.59 -18.29
N HIS A 234 15.42 12.24 -18.75
CA HIS A 234 15.89 13.45 -18.08
C HIS A 234 15.05 14.67 -18.44
N TYR A 235 14.53 14.71 -19.66
CA TYR A 235 13.66 15.81 -20.10
C TYR A 235 12.39 15.21 -20.67
N PRO A 236 11.53 14.64 -19.81
CA PRO A 236 10.38 13.90 -20.33
C PRO A 236 9.35 14.76 -21.01
N CYS A 237 9.25 16.04 -20.65
CA CYS A 237 8.27 16.91 -21.30
C CYS A 237 8.80 17.42 -22.64
N THR A 238 9.68 16.63 -23.27
CA THR A 238 10.15 16.88 -24.63
C THR A 238 9.92 15.70 -25.54
N VAL A 239 9.20 14.66 -25.08
CA VAL A 239 8.64 13.65 -25.97
C VAL A 239 7.94 14.34 -27.14
N ASN A 240 7.43 15.52 -26.85
CA ASN A 240 6.78 16.45 -27.77
C ASN A 240 7.61 16.77 -29.03
N PHE A 241 8.92 16.87 -28.90
CA PHE A 241 9.72 17.61 -29.87
C PHE A 241 10.02 16.78 -31.10
N THR A 242 10.23 17.47 -32.22
CA THR A 242 10.60 16.86 -33.49
C THR A 242 12.12 16.71 -33.55
N ILE A 243 12.57 15.59 -34.09
CA ILE A 243 14.01 15.30 -34.14
C ILE A 243 14.56 15.73 -35.49
N PHE A 244 15.53 16.63 -35.46
CA PHE A 244 16.17 17.18 -36.65
C PHE A 244 17.65 16.83 -36.67
N LYS A 245 18.15 16.35 -37.81
CA LYS A 245 19.60 16.31 -38.04
C LYS A 245 20.13 17.74 -38.19
N VAL A 246 21.01 18.16 -37.29
CA VAL A 246 21.57 19.50 -37.33
C VAL A 246 23.08 19.41 -37.45
N ARG A 247 23.69 20.57 -37.66
CA ARG A 247 25.13 20.68 -37.92
C ARG A 247 25.72 21.73 -36.99
N MET A 248 26.68 21.32 -36.17
CA MET A 248 27.37 22.20 -35.24
C MET A 248 28.82 22.37 -35.68
N TYR A 249 29.32 23.59 -35.59
CA TYR A 249 30.72 23.88 -35.80
C TYR A 249 31.33 24.33 -34.48
N VAL A 250 32.33 23.59 -34.01
CA VAL A 250 33.01 23.87 -32.76
C VAL A 250 34.48 24.12 -33.12
N GLY A 251 34.83 25.37 -33.38
CA GLY A 251 36.21 25.71 -33.65
C GLY A 251 36.84 24.87 -34.73
N GLY A 252 36.10 24.61 -35.80
CA GLY A 252 36.61 23.83 -36.90
C GLY A 252 35.97 22.47 -37.03
N VAL A 253 36.10 21.65 -35.99
CA VAL A 253 35.59 20.28 -36.06
C VAL A 253 34.08 20.31 -36.28
N GLU A 254 33.65 19.79 -37.42
CA GLU A 254 32.24 19.78 -37.80
C GLU A 254 31.50 18.71 -37.01
N HIS A 255 30.30 19.06 -36.55
CA HIS A 255 29.48 18.17 -35.73
C HIS A 255 28.15 17.93 -36.43
N ARG A 256 27.83 16.66 -36.64
CA ARG A 256 26.55 16.24 -37.19
C ARG A 256 25.85 15.39 -36.14
N LEU A 257 24.88 15.97 -35.46
CA LEU A 257 24.18 15.31 -34.36
C LEU A 257 22.68 15.61 -34.45
N ASN A 258 21.90 14.76 -33.79
CA ASN A 258 20.45 14.87 -33.79
C ASN A 258 19.97 15.78 -32.66
N ALA A 259 19.19 16.80 -33.02
CA ALA A 259 18.56 17.70 -32.07
C ALA A 259 17.06 17.44 -32.02
N ALA A 260 16.47 17.58 -30.84
CA ALA A 260 15.01 17.48 -30.68
C ALA A 260 14.48 18.89 -30.46
N CYS A 261 13.78 19.43 -31.45
CA CYS A 261 13.42 20.83 -31.47
C CYS A 261 11.92 21.01 -31.33
N ASN A 262 11.54 22.10 -30.69
CA ASN A 262 10.13 22.47 -30.52
C ASN A 262 9.82 23.66 -31.43
N ILE A 263 9.24 23.38 -32.60
CA ILE A 263 8.90 24.40 -33.58
C ILE A 263 7.40 24.65 -33.65
N GLY A 264 6.61 23.59 -33.74
CA GLY A 264 5.16 23.74 -33.85
C GLY A 264 4.42 23.80 -32.51
N GLN B 1 1.42 9.62 -4.82
CA GLN B 1 0.37 10.49 -5.33
C GLN B 1 -0.59 9.72 -6.25
N VAL B 2 -0.21 8.53 -6.72
CA VAL B 2 -1.18 7.74 -7.48
C VAL B 2 -2.21 7.16 -6.53
N GLN B 3 -3.42 6.99 -7.05
CA GLN B 3 -4.56 6.51 -6.30
C GLN B 3 -5.16 5.33 -7.07
N LEU B 4 -5.43 4.23 -6.36
CA LEU B 4 -6.15 3.10 -6.95
C LEU B 4 -7.52 3.03 -6.32
N VAL B 5 -8.55 2.92 -7.16
CA VAL B 5 -9.94 2.92 -6.70
C VAL B 5 -10.62 1.72 -7.32
N GLN B 6 -10.93 0.71 -6.51
CA GLN B 6 -11.58 -0.50 -7.00
C GLN B 6 -13.10 -0.34 -6.97
N SER B 7 -13.79 -1.23 -7.69
CA SER B 7 -15.24 -1.17 -7.79
C SER B 7 -15.90 -1.70 -6.51
N GLY B 8 -17.21 -1.51 -6.42
CA GLY B 8 -17.97 -1.90 -5.25
C GLY B 8 -18.08 -3.41 -5.10
N ALA B 9 -18.72 -3.81 -4.01
CA ALA B 9 -18.75 -5.23 -3.64
C ALA B 9 -19.74 -6.00 -4.51
N GLU B 10 -19.50 -7.32 -4.64
CA GLU B 10 -20.24 -8.16 -5.56
C GLU B 10 -20.73 -9.45 -4.89
N VAL B 11 -21.97 -9.82 -5.19
CA VAL B 11 -22.57 -11.06 -4.71
C VAL B 11 -22.86 -11.94 -5.92
N LYS B 12 -22.31 -13.15 -5.93
CA LYS B 12 -22.37 -14.02 -7.09
C LYS B 12 -22.75 -15.43 -6.67
N LYS B 13 -23.58 -16.09 -7.48
CA LYS B 13 -23.90 -17.49 -7.21
C LYS B 13 -22.74 -18.38 -7.63
N PRO B 14 -22.61 -19.55 -7.02
CA PRO B 14 -21.52 -20.46 -7.43
C PRO B 14 -21.60 -20.76 -8.92
N GLY B 15 -20.42 -20.87 -9.54
CA GLY B 15 -20.32 -21.22 -10.93
C GLY B 15 -20.19 -20.06 -11.89
N SER B 16 -20.53 -18.84 -11.45
CA SER B 16 -20.49 -17.67 -12.33
C SER B 16 -19.13 -17.00 -12.21
N SER B 17 -19.01 -15.74 -12.64
CA SER B 17 -17.72 -15.07 -12.67
C SER B 17 -17.91 -13.59 -12.32
N VAL B 18 -16.80 -12.94 -11.92
CA VAL B 18 -16.82 -11.56 -11.44
C VAL B 18 -15.66 -10.81 -12.06
N LYS B 19 -15.88 -9.53 -12.34
CA LYS B 19 -14.88 -8.67 -12.98
C LYS B 19 -14.64 -7.45 -12.10
N VAL B 20 -13.54 -7.47 -11.35
CA VAL B 20 -13.16 -6.38 -10.45
C VAL B 20 -12.27 -5.40 -11.21
N SER B 21 -12.64 -4.12 -11.17
CA SER B 21 -11.89 -3.07 -11.85
C SER B 21 -11.05 -2.28 -10.86
N CYS B 22 -9.93 -1.74 -11.35
CA CYS B 22 -8.99 -0.98 -10.52
C CYS B 22 -8.45 0.18 -11.35
N LYS B 23 -8.92 1.39 -11.06
CA LYS B 23 -8.61 2.56 -11.87
C LYS B 23 -7.52 3.39 -11.20
N ALA B 24 -6.46 3.68 -11.94
CA ALA B 24 -5.32 4.44 -11.44
C ALA B 24 -5.34 5.84 -12.03
N SER B 25 -4.95 6.82 -11.23
CA SER B 25 -5.00 8.19 -11.68
C SER B 25 -4.01 9.00 -10.85
N GLY B 26 -3.69 10.19 -11.36
CA GLY B 26 -2.84 11.12 -10.65
C GLY B 26 -1.41 10.63 -10.49
N GLY B 27 -0.77 10.26 -11.57
CA GLY B 27 0.59 9.76 -11.51
C GLY B 27 1.41 10.15 -12.72
N THR B 28 2.58 9.56 -12.91
CA THR B 28 3.48 9.97 -13.98
C THR B 28 3.58 8.96 -15.10
N LEU B 29 2.80 7.89 -15.04
CA LEU B 29 2.67 6.92 -16.11
C LEU B 29 1.22 6.91 -16.57
N ASN B 30 1.02 6.47 -17.81
CA ASN B 30 -0.31 6.26 -18.31
C ASN B 30 -0.86 4.89 -17.96
N SER B 31 0.00 3.91 -17.68
CA SER B 31 -0.37 2.58 -17.22
C SER B 31 0.67 2.11 -16.22
N TYR B 32 0.23 1.34 -15.23
CA TYR B 32 1.07 1.03 -14.09
C TYR B 32 1.28 -0.47 -13.96
N GLU B 33 2.25 -0.83 -13.14
CA GLU B 33 2.50 -2.20 -12.75
C GLU B 33 1.40 -2.62 -11.78
N ILE B 34 0.33 -3.19 -12.30
CA ILE B 34 -0.85 -3.47 -11.49
C ILE B 34 -0.83 -4.93 -11.10
N THR B 35 -0.90 -5.19 -9.80
CA THR B 35 -0.85 -6.55 -9.28
C THR B 35 -2.09 -6.82 -8.42
N TRP B 36 -2.49 -8.09 -8.36
CA TRP B 36 -3.71 -8.47 -7.68
C TRP B 36 -3.44 -9.50 -6.59
N VAL B 37 -4.10 -9.30 -5.45
CA VAL B 37 -3.99 -10.21 -4.30
C VAL B 37 -5.33 -10.20 -3.56
N ARG B 38 -5.74 -11.36 -3.07
CA ARG B 38 -6.98 -11.50 -2.31
C ARG B 38 -6.71 -12.08 -0.92
N GLN B 39 -7.75 -12.05 -0.08
CA GLN B 39 -7.63 -12.58 1.28
C GLN B 39 -9.00 -12.99 1.79
N ALA B 40 -9.23 -14.30 1.98
CA ALA B 40 -10.52 -14.79 2.47
C ALA B 40 -10.74 -14.29 3.90
N PRO B 41 -11.95 -14.41 4.45
CA PRO B 41 -12.18 -13.97 5.83
C PRO B 41 -11.23 -14.64 6.81
N GLY B 42 -10.50 -13.83 7.56
CA GLY B 42 -9.64 -14.34 8.61
C GLY B 42 -8.42 -15.07 8.09
N GLN B 43 -8.32 -15.16 6.76
CA GLN B 43 -7.31 -15.99 6.11
C GLN B 43 -6.09 -15.16 5.72
N GLY B 44 -5.14 -15.83 5.07
CA GLY B 44 -3.90 -15.21 4.68
C GLY B 44 -4.01 -14.50 3.35
N LEU B 45 -2.89 -13.94 2.91
CA LEU B 45 -2.83 -13.28 1.61
C LEU B 45 -2.58 -14.31 0.52
N GLU B 46 -3.25 -14.12 -0.62
CA GLU B 46 -3.05 -14.98 -1.78
C GLU B 46 -2.83 -14.11 -3.00
N TRP B 47 -1.67 -14.25 -3.62
CA TRP B 47 -1.36 -13.51 -4.84
C TRP B 47 -2.01 -14.20 -6.03
N MET B 48 -2.63 -13.40 -6.90
CA MET B 48 -3.32 -13.94 -8.07
C MET B 48 -2.57 -13.66 -9.36
N GLY B 49 -2.26 -12.40 -9.65
CA GLY B 49 -1.55 -12.08 -10.89
C GLY B 49 -1.39 -10.59 -11.05
N GLY B 50 -0.54 -10.22 -12.03
CA GLY B 50 -0.23 -8.83 -12.29
C GLY B 50 -0.08 -8.57 -13.77
N ILE B 51 0.09 -7.29 -14.09
CA ILE B 51 0.18 -6.83 -15.47
C ILE B 51 1.17 -5.66 -15.54
N THR B 52 2.06 -5.70 -16.52
CA THR B 52 3.08 -4.67 -16.64
C THR B 52 2.50 -3.42 -17.31
N PRO B 53 3.21 -2.30 -17.28
CA PRO B 53 2.68 -1.11 -17.97
C PRO B 53 2.45 -1.33 -19.44
N ILE B 54 3.18 -2.24 -20.07
CA ILE B 54 2.96 -2.59 -21.47
C ILE B 54 2.06 -3.82 -21.59
N PHE B 55 1.29 -4.13 -20.54
CA PHE B 55 0.15 -5.04 -20.55
C PHE B 55 0.54 -6.52 -20.61
N GLU B 56 1.73 -6.88 -20.15
CA GLU B 56 2.16 -8.28 -20.09
C GLU B 56 1.69 -8.88 -18.78
N THR B 57 0.95 -9.98 -18.86
CA THR B 57 0.37 -10.57 -17.67
C THR B 57 1.19 -11.74 -17.17
N THR B 58 1.25 -11.86 -15.84
CA THR B 58 1.74 -13.03 -15.14
C THR B 58 0.64 -13.51 -14.20
N TYR B 59 0.59 -14.82 -13.97
CA TYR B 59 -0.42 -15.39 -13.10
C TYR B 59 0.20 -16.40 -12.14
N ALA B 60 -0.50 -16.64 -11.04
CA ALA B 60 -0.04 -17.60 -10.06
C ALA B 60 -0.40 -19.01 -10.48
N GLN B 61 0.30 -19.98 -9.88
CA GLN B 61 0.15 -21.38 -10.27
C GLN B 61 -1.28 -21.87 -10.13
N LYS B 62 -1.95 -21.57 -9.02
CA LYS B 62 -3.25 -22.18 -8.74
C LYS B 62 -4.42 -21.43 -9.37
N PHE B 63 -4.19 -20.30 -10.03
CA PHE B 63 -5.28 -19.53 -10.61
C PHE B 63 -5.26 -19.51 -12.14
N GLN B 64 -4.26 -20.09 -12.79
CA GLN B 64 -4.17 -19.93 -14.23
C GLN B 64 -5.31 -20.66 -14.92
N GLY B 65 -5.75 -20.09 -16.05
CA GLY B 65 -6.99 -20.47 -16.69
C GLY B 65 -8.25 -19.91 -16.06
N ARG B 66 -8.25 -19.67 -14.73
CA ARG B 66 -9.42 -19.13 -14.05
C ARG B 66 -9.45 -17.62 -13.99
N VAL B 67 -8.29 -16.97 -13.94
CA VAL B 67 -8.21 -15.53 -13.80
C VAL B 67 -7.63 -14.93 -15.07
N THR B 68 -8.17 -13.77 -15.46
CA THR B 68 -7.67 -12.99 -16.58
C THR B 68 -7.55 -11.53 -16.15
N ILE B 69 -6.40 -10.92 -16.43
CA ILE B 69 -6.14 -9.52 -16.10
C ILE B 69 -5.99 -8.75 -17.41
N THR B 70 -6.79 -7.70 -17.55
CA THR B 70 -6.80 -6.85 -18.72
C THR B 70 -6.58 -5.41 -18.30
N ALA B 71 -6.35 -4.56 -19.29
CA ALA B 71 -6.09 -3.15 -19.03
C ALA B 71 -6.86 -2.31 -20.02
N ASP B 72 -7.01 -1.03 -19.68
CA ASP B 72 -7.52 -0.05 -20.63
C ASP B 72 -6.87 1.28 -20.29
N GLU B 73 -5.99 1.76 -21.15
CA GLU B 73 -5.20 2.94 -20.84
C GLU B 73 -5.98 4.23 -21.00
N SER B 74 -7.05 4.23 -21.80
CA SER B 74 -7.86 5.44 -21.95
C SER B 74 -8.38 5.92 -20.59
N THR B 75 -8.89 5.00 -19.77
CA THR B 75 -9.31 5.31 -18.42
C THR B 75 -8.27 4.94 -17.38
N SER B 76 -7.13 4.40 -17.82
CA SER B 76 -6.14 3.83 -16.92
C SER B 76 -6.80 2.92 -15.91
N THR B 77 -7.55 1.95 -16.42
CA THR B 77 -8.30 1.02 -15.60
C THR B 77 -7.78 -0.40 -15.84
N THR B 78 -7.45 -1.11 -14.77
CA THR B 78 -7.09 -2.51 -14.86
C THR B 78 -8.26 -3.35 -14.38
N TYR B 79 -8.48 -4.49 -15.06
CA TYR B 79 -9.60 -5.39 -14.78
C TYR B 79 -9.08 -6.76 -14.37
N MET B 80 -9.78 -7.39 -13.43
CA MET B 80 -9.46 -8.73 -12.96
C MET B 80 -10.74 -9.56 -13.03
N GLU B 81 -10.71 -10.64 -13.79
CA GLU B 81 -11.91 -11.46 -13.98
C GLU B 81 -11.60 -12.90 -13.58
N LEU B 82 -12.37 -13.41 -12.60
CA LEU B 82 -12.22 -14.75 -12.08
C LEU B 82 -13.49 -15.53 -12.38
N SER B 83 -13.34 -16.75 -12.89
CA SER B 83 -14.45 -17.53 -13.39
C SER B 83 -14.55 -18.85 -12.65
N SER B 84 -15.73 -19.49 -12.78
CA SER B 84 -16.07 -20.70 -12.03
C SER B 84 -16.03 -20.44 -10.53
N LEU B 85 -16.77 -19.42 -10.09
CA LEU B 85 -16.71 -19.02 -8.70
C LEU B 85 -17.21 -20.16 -7.80
N ARG B 86 -16.52 -20.36 -6.70
CA ARG B 86 -16.83 -21.35 -5.69
C ARG B 86 -17.05 -20.64 -4.37
N PRO B 87 -17.72 -21.29 -3.40
CA PRO B 87 -17.84 -20.67 -2.07
C PRO B 87 -16.51 -20.21 -1.49
N GLU B 88 -15.42 -20.93 -1.77
CA GLU B 88 -14.13 -20.64 -1.14
C GLU B 88 -13.45 -19.40 -1.72
N ASP B 89 -13.92 -18.89 -2.84
CA ASP B 89 -13.40 -17.63 -3.35
C ASP B 89 -14.05 -16.43 -2.72
N THR B 90 -14.88 -16.63 -1.70
CA THR B 90 -15.34 -15.51 -0.89
C THR B 90 -14.10 -14.88 -0.27
N ALA B 91 -13.80 -13.65 -0.65
CA ALA B 91 -12.60 -12.97 -0.15
C ALA B 91 -12.75 -11.48 -0.41
N VAL B 92 -11.79 -10.73 0.11
CA VAL B 92 -11.63 -9.32 -0.25
C VAL B 92 -10.50 -9.25 -1.25
N TYR B 93 -10.78 -8.66 -2.42
CA TYR B 93 -9.83 -8.63 -3.52
C TYR B 93 -9.16 -7.27 -3.58
N TYR B 94 -7.83 -7.26 -3.48
CA TYR B 94 -7.06 -6.03 -3.53
C TYR B 94 -6.31 -5.92 -4.85
N CYS B 95 -6.19 -4.69 -5.35
CA CYS B 95 -5.25 -4.34 -6.41
C CYS B 95 -4.19 -3.40 -5.85
N ALA B 96 -2.95 -3.54 -6.33
CA ALA B 96 -1.90 -2.66 -5.86
C ALA B 96 -0.92 -2.37 -6.99
N ARG B 97 -0.05 -1.40 -6.72
CA ARG B 97 1.01 -0.97 -7.62
C ARG B 97 2.30 -1.66 -7.20
N ASP B 98 2.85 -2.47 -8.09
CA ASP B 98 4.08 -3.22 -7.84
C ASP B 98 5.25 -2.65 -8.62
N GLY B 99 5.38 -1.31 -8.64
CA GLY B 99 6.42 -0.70 -9.45
C GLY B 99 7.77 -0.67 -8.77
N VAL B 100 8.81 -0.39 -9.56
CA VAL B 100 10.17 -0.32 -9.03
C VAL B 100 10.31 0.92 -8.17
N ARG B 101 10.95 0.79 -7.00
CA ARG B 101 11.01 1.93 -6.09
C ARG B 101 12.33 2.08 -5.36
N TYR B 102 13.29 1.19 -5.57
CA TYR B 102 14.62 1.33 -4.98
C TYR B 102 15.58 0.52 -5.83
N CYS B 103 16.72 1.10 -6.19
CA CYS B 103 17.80 0.39 -6.86
C CYS B 103 19.06 0.53 -6.01
N GLY B 104 19.77 -0.57 -5.82
CA GLY B 104 20.94 -0.57 -4.96
C GLY B 104 21.81 -1.75 -5.27
N GLY B 105 23.12 -1.56 -5.13
CA GLY B 105 24.04 -2.66 -5.41
C GLY B 105 23.85 -3.21 -6.80
N GLY B 106 23.50 -2.34 -7.73
CA GLY B 106 23.22 -2.74 -9.09
C GLY B 106 21.93 -3.52 -9.29
N ARG B 107 21.04 -3.56 -8.30
CA ARG B 107 19.78 -4.28 -8.44
C ARG B 107 18.64 -3.34 -8.08
N CYS B 108 17.45 -3.61 -8.62
CA CYS B 108 16.26 -2.79 -8.39
C CYS B 108 15.13 -3.63 -7.82
N TYR B 109 14.34 -3.04 -6.93
CA TYR B 109 13.36 -3.77 -6.12
C TYR B 109 11.97 -3.18 -6.29
N ASN B 110 10.95 -4.06 -6.27
CA ASN B 110 9.54 -3.70 -6.38
C ASN B 110 8.80 -4.12 -5.11
N TRP B 111 7.78 -3.34 -4.75
CA TRP B 111 6.90 -3.75 -3.66
C TRP B 111 5.55 -3.05 -3.81
N PHE B 112 4.61 -3.47 -2.97
CA PHE B 112 3.21 -3.08 -3.12
C PHE B 112 2.97 -1.75 -2.43
N ASP B 113 2.73 -0.71 -3.24
CA ASP B 113 2.46 0.63 -2.75
C ASP B 113 2.07 1.50 -3.93
N PRO B 114 0.90 2.15 -3.90
CA PRO B 114 -0.13 2.11 -2.88
C PRO B 114 -1.03 0.91 -3.05
N TRP B 115 -2.07 0.84 -2.23
CA TRP B 115 -3.08 -0.20 -2.34
C TRP B 115 -4.42 0.40 -2.70
N GLY B 116 -5.25 -0.40 -3.36
CA GLY B 116 -6.65 -0.05 -3.53
C GLY B 116 -7.43 -0.25 -2.25
N GLN B 117 -8.69 0.20 -2.26
CA GLN B 117 -9.47 0.11 -1.03
C GLN B 117 -10.06 -1.29 -0.82
N GLY B 118 -10.07 -2.13 -1.84
CA GLY B 118 -10.54 -3.48 -1.73
C GLY B 118 -11.89 -3.69 -2.40
N THR B 119 -12.18 -4.94 -2.70
CA THR B 119 -13.50 -5.35 -3.18
C THR B 119 -13.86 -6.65 -2.50
N LEU B 120 -14.95 -6.63 -1.73
CA LEU B 120 -15.51 -7.86 -1.18
C LEU B 120 -16.31 -8.59 -2.26
N VAL B 121 -16.05 -9.88 -2.41
CA VAL B 121 -16.83 -10.72 -3.30
C VAL B 121 -17.30 -11.93 -2.51
N THR B 122 -18.62 -12.06 -2.34
CA THR B 122 -19.24 -13.20 -1.70
C THR B 122 -19.79 -14.15 -2.76
N VAL B 123 -19.50 -15.43 -2.61
CA VAL B 123 -19.97 -16.46 -3.55
C VAL B 123 -20.81 -17.43 -2.74
N SER B 124 -22.13 -17.32 -2.86
CA SER B 124 -23.06 -18.20 -2.18
C SER B 124 -24.31 -18.38 -3.02
N SER B 125 -25.10 -19.38 -2.66
CA SER B 125 -26.42 -19.55 -3.26
C SER B 125 -27.45 -18.61 -2.65
N ALA B 126 -27.18 -18.08 -1.46
CA ALA B 126 -28.16 -17.25 -0.76
C ALA B 126 -28.61 -16.08 -1.63
N SER B 127 -29.75 -15.53 -1.27
CA SER B 127 -30.30 -14.37 -1.94
C SER B 127 -30.36 -13.24 -0.92
N THR B 128 -30.21 -12.01 -1.40
CA THR B 128 -30.07 -10.86 -0.52
C THR B 128 -31.22 -10.78 0.47
N LYS B 129 -30.89 -10.63 1.76
CA LYS B 129 -31.88 -10.69 2.82
C LYS B 129 -31.48 -9.80 3.99
N GLY B 130 -32.42 -8.98 4.46
CA GLY B 130 -32.22 -8.09 5.59
C GLY B 130 -32.34 -8.80 6.93
N PRO B 131 -31.79 -8.18 7.96
CA PRO B 131 -31.70 -8.84 9.27
C PRO B 131 -32.98 -8.70 10.09
N SER B 132 -33.15 -9.66 11.00
CA SER B 132 -34.11 -9.55 12.09
C SER B 132 -33.34 -9.13 13.33
N VAL B 133 -33.74 -8.02 13.95
CA VAL B 133 -33.00 -7.43 15.06
C VAL B 133 -33.79 -7.65 16.34
N PHE B 134 -33.21 -8.40 17.29
CA PHE B 134 -33.88 -8.65 18.55
C PHE B 134 -33.10 -8.05 19.71
N PRO B 135 -33.77 -7.54 20.74
CA PRO B 135 -33.06 -6.99 21.89
C PRO B 135 -32.50 -8.10 22.75
N LEU B 136 -31.35 -7.82 23.36
CA LEU B 136 -30.82 -8.60 24.47
C LEU B 136 -31.02 -7.71 25.70
N ALA B 137 -32.16 -7.90 26.33
CA ALA B 137 -32.61 -7.02 27.40
C ALA B 137 -31.77 -7.20 28.66
N PRO B 138 -31.44 -6.11 29.35
CA PRO B 138 -30.69 -6.24 30.61
C PRO B 138 -31.56 -6.84 31.70
N SER B 139 -30.89 -7.35 32.73
CA SER B 139 -31.55 -8.07 33.82
C SER B 139 -30.56 -8.25 34.96
N SER B 140 -31.03 -8.92 36.01
CA SER B 140 -30.16 -9.30 37.12
C SER B 140 -29.06 -10.23 36.67
N LYS B 141 -29.32 -10.98 35.60
CA LYS B 141 -28.37 -11.94 35.08
C LYS B 141 -27.35 -11.29 34.15
N SER B 142 -27.27 -9.94 34.14
CA SER B 142 -26.26 -9.25 33.33
C SER B 142 -25.74 -7.99 34.00
N THR B 143 -25.75 -7.90 35.33
CA THR B 143 -25.43 -6.64 36.01
C THR B 143 -23.98 -6.53 36.47
N SER B 144 -23.51 -7.45 37.31
CA SER B 144 -22.17 -7.38 37.88
C SER B 144 -21.79 -6.01 38.46
N GLY B 145 -22.22 -5.67 39.68
CA GLY B 145 -21.77 -4.40 40.29
C GLY B 145 -22.65 -3.20 39.91
N GLY B 146 -22.00 -2.07 39.62
CA GLY B 146 -22.68 -0.88 39.11
C GLY B 146 -22.97 -0.87 37.61
N THR B 147 -22.52 -1.87 36.88
CA THR B 147 -22.72 -1.94 35.44
C THR B 147 -23.96 -2.79 35.12
N ALA B 148 -24.40 -2.73 33.86
CA ALA B 148 -25.42 -3.61 33.33
C ALA B 148 -25.17 -3.76 31.85
N ALA B 149 -25.35 -4.95 31.31
CA ALA B 149 -25.07 -5.21 29.91
C ALA B 149 -26.35 -5.47 29.14
N LEU B 150 -26.40 -4.92 27.93
CA LEU B 150 -27.53 -5.10 27.04
C LEU B 150 -27.01 -5.16 25.62
N GLY B 151 -27.90 -5.45 24.68
CA GLY B 151 -27.44 -5.42 23.30
C GLY B 151 -28.53 -5.77 22.31
N CYS B 152 -28.06 -6.07 21.11
CA CYS B 152 -28.89 -6.43 19.99
C CYS B 152 -28.37 -7.72 19.36
N LEU B 153 -29.30 -8.61 19.06
CA LEU B 153 -29.03 -9.78 18.23
C LEU B 153 -29.41 -9.42 16.80
N VAL B 154 -28.46 -9.55 15.88
CA VAL B 154 -28.68 -9.23 14.47
C VAL B 154 -28.61 -10.56 13.72
N LYS B 155 -29.75 -11.02 13.24
CA LYS B 155 -29.89 -12.41 12.86
C LYS B 155 -30.38 -12.51 11.42
N ASP B 156 -29.87 -13.52 10.72
CA ASP B 156 -30.41 -13.99 9.44
C ASP B 156 -30.39 -12.90 8.38
N TYR B 157 -29.17 -12.51 8.01
CA TYR B 157 -28.98 -11.54 6.95
C TYR B 157 -27.94 -12.03 5.95
N PHE B 158 -27.98 -11.45 4.75
CA PHE B 158 -27.08 -11.82 3.68
C PHE B 158 -27.21 -10.76 2.60
N PRO B 159 -26.10 -10.26 2.04
CA PRO B 159 -24.74 -10.62 2.41
C PRO B 159 -24.21 -9.76 3.55
N GLU B 160 -22.92 -9.92 3.81
CA GLU B 160 -22.22 -8.89 4.54
C GLU B 160 -22.16 -7.61 3.71
N PRO B 161 -22.08 -6.44 4.35
CA PRO B 161 -21.99 -6.29 5.79
C PRO B 161 -23.17 -5.59 6.40
N VAL B 162 -23.11 -5.52 7.72
CA VAL B 162 -24.04 -4.76 8.53
C VAL B 162 -23.22 -3.77 9.36
N THR B 163 -23.76 -2.58 9.56
CA THR B 163 -23.28 -1.65 10.57
C THR B 163 -24.31 -1.58 11.70
N VAL B 164 -23.83 -1.30 12.90
CA VAL B 164 -24.70 -1.19 14.06
C VAL B 164 -24.19 -0.03 14.91
N SER B 165 -25.04 0.95 15.13
CA SER B 165 -24.75 2.07 15.99
C SER B 165 -25.69 2.04 17.19
N TRP B 166 -25.33 2.78 18.22
CA TRP B 166 -26.16 2.88 19.41
C TRP B 166 -26.54 4.33 19.64
N ASN B 167 -27.78 4.54 20.09
CA ASN B 167 -28.39 5.86 20.22
C ASN B 167 -27.97 6.80 19.10
N SER B 168 -27.98 6.28 17.87
CA SER B 168 -27.63 7.05 16.67
C SER B 168 -26.19 7.55 16.69
N GLY B 169 -25.33 6.93 17.49
CA GLY B 169 -23.93 7.28 17.55
C GLY B 169 -23.53 7.96 18.83
N ALA B 170 -24.50 8.32 19.68
CA ALA B 170 -24.20 9.00 20.92
C ALA B 170 -23.55 8.08 21.95
N LEU B 171 -23.59 6.76 21.74
CA LEU B 171 -23.03 5.78 22.66
C LEU B 171 -21.99 4.97 21.90
N THR B 172 -20.71 5.16 22.25
CA THR B 172 -19.62 4.52 21.53
C THR B 172 -18.66 3.78 22.45
N SER B 173 -18.52 4.26 23.69
CA SER B 173 -17.58 3.60 24.59
C SER B 173 -18.25 2.39 25.24
N GLY B 174 -17.42 1.37 25.49
CA GLY B 174 -17.90 0.15 26.12
C GLY B 174 -18.73 -0.74 25.22
N VAL B 175 -18.59 -0.58 23.90
CA VAL B 175 -19.37 -1.36 22.94
C VAL B 175 -18.49 -2.47 22.40
N HIS B 176 -19.04 -3.69 22.37
CA HIS B 176 -18.43 -4.84 21.69
C HIS B 176 -19.41 -5.32 20.64
N THR B 177 -19.05 -5.19 19.36
CA THR B 177 -19.88 -5.67 18.25
C THR B 177 -19.22 -6.91 17.65
N PHE B 178 -19.81 -8.07 17.88
CA PHE B 178 -19.09 -9.31 17.60
C PHE B 178 -19.00 -9.58 16.09
N PRO B 179 -17.88 -10.13 15.62
CA PRO B 179 -17.77 -10.53 14.21
C PRO B 179 -18.89 -11.47 13.82
N ALA B 180 -19.39 -11.29 12.60
CA ALA B 180 -20.50 -12.10 12.11
C ALA B 180 -20.07 -13.55 12.00
N VAL B 181 -21.04 -14.45 12.16
CA VAL B 181 -20.82 -15.87 12.02
C VAL B 181 -21.76 -16.40 10.94
N LEU B 182 -21.19 -17.00 9.90
CA LEU B 182 -22.00 -17.61 8.85
C LEU B 182 -22.70 -18.86 9.40
N GLN B 183 -24.04 -18.82 9.42
CA GLN B 183 -24.83 -19.94 9.90
C GLN B 183 -25.00 -20.99 8.81
N SER B 184 -25.32 -22.21 9.24
CA SER B 184 -25.57 -23.32 8.31
C SER B 184 -26.59 -22.93 7.23
N SER B 185 -27.60 -22.15 7.61
CA SER B 185 -28.59 -21.69 6.64
C SER B 185 -27.98 -20.91 5.49
N GLY B 186 -26.72 -20.51 5.60
CA GLY B 186 -26.13 -19.60 4.64
C GLY B 186 -26.36 -18.15 4.94
N LEU B 187 -27.02 -17.85 6.07
CA LEU B 187 -27.26 -16.48 6.49
C LEU B 187 -26.33 -16.13 7.65
N TYR B 188 -25.86 -14.88 7.66
CA TYR B 188 -24.96 -14.42 8.70
C TYR B 188 -25.74 -14.04 9.95
N SER B 189 -25.02 -13.68 11.02
CA SER B 189 -25.61 -13.31 12.30
C SER B 189 -24.51 -12.81 13.23
N LEU B 190 -24.80 -11.73 13.97
CA LEU B 190 -23.90 -11.23 15.00
C LEU B 190 -24.70 -10.66 16.16
N SER B 191 -23.98 -10.26 17.22
CA SER B 191 -24.58 -9.60 18.38
C SER B 191 -23.74 -8.39 18.74
N SER B 192 -24.42 -7.30 19.11
CA SER B 192 -23.73 -6.09 19.53
C SER B 192 -24.19 -5.75 20.95
N VAL B 193 -23.26 -5.74 21.89
CA VAL B 193 -23.57 -5.55 23.30
C VAL B 193 -22.81 -4.34 23.82
N VAL B 194 -23.41 -3.69 24.82
CA VAL B 194 -22.83 -2.51 25.44
C VAL B 194 -23.01 -2.63 26.96
N THR B 195 -22.08 -2.05 27.70
CA THR B 195 -22.15 -1.97 29.15
C THR B 195 -22.48 -0.53 29.55
N VAL B 196 -23.39 -0.37 30.50
CA VAL B 196 -23.89 0.97 30.85
C VAL B 196 -24.04 1.12 32.36
N PRO B 197 -24.21 2.34 32.87
CA PRO B 197 -24.54 2.51 34.29
C PRO B 197 -25.88 1.86 34.59
N SER B 198 -25.87 0.90 35.52
CA SER B 198 -27.11 0.21 35.83
C SER B 198 -28.17 1.19 36.34
N SER B 199 -27.75 2.27 37.00
CA SER B 199 -28.70 3.26 37.48
C SER B 199 -29.33 4.06 36.36
N SER B 200 -29.02 3.74 35.10
CA SER B 200 -29.65 4.38 33.96
C SER B 200 -30.73 3.50 33.32
N LEU B 201 -30.83 2.23 33.71
CA LEU B 201 -31.88 1.39 33.19
C LEU B 201 -33.25 1.92 33.62
N GLY B 202 -34.11 2.14 32.65
CA GLY B 202 -35.45 2.61 32.92
C GLY B 202 -35.64 4.09 32.76
N THR B 203 -34.56 4.85 32.67
CA THR B 203 -34.66 6.28 32.46
C THR B 203 -33.95 6.73 31.20
N GLN B 204 -32.83 6.08 30.86
CA GLN B 204 -32.10 6.35 29.63
C GLN B 204 -32.53 5.33 28.58
N THR B 205 -32.87 5.78 27.38
CA THR B 205 -33.30 4.85 26.36
C THR B 205 -32.09 4.37 25.58
N TYR B 206 -32.05 3.07 25.29
CA TYR B 206 -31.00 2.50 24.47
C TYR B 206 -31.62 1.94 23.21
N ILE B 207 -31.11 2.38 22.07
CA ILE B 207 -31.58 1.92 20.77
C ILE B 207 -30.36 1.51 19.95
N CYS B 208 -30.42 0.35 19.33
CA CYS B 208 -29.40 -0.02 18.35
C CYS B 208 -29.95 0.21 16.95
N ASN B 209 -29.11 0.76 16.10
CA ASN B 209 -29.48 1.13 14.74
C ASN B 209 -28.70 0.22 13.80
N VAL B 210 -29.38 -0.75 13.22
CA VAL B 210 -28.73 -1.74 12.38
C VAL B 210 -29.03 -1.38 10.94
N ASN B 211 -27.98 -1.23 10.13
CA ASN B 211 -28.12 -0.87 8.73
C ASN B 211 -27.58 -2.00 7.87
N HIS B 212 -28.31 -2.31 6.81
CA HIS B 212 -27.92 -3.34 5.84
C HIS B 212 -28.22 -2.78 4.45
N LYS B 213 -27.25 -2.05 3.89
CA LYS B 213 -27.41 -1.46 2.57
C LYS B 213 -27.79 -2.47 1.48
N PRO B 214 -27.21 -3.69 1.41
CA PRO B 214 -27.61 -4.62 0.33
C PRO B 214 -29.10 -4.86 0.21
N SER B 215 -29.88 -4.67 1.29
CA SER B 215 -31.32 -4.86 1.24
C SER B 215 -32.10 -3.59 1.59
N ASN B 216 -31.42 -2.44 1.64
CA ASN B 216 -32.05 -1.15 1.97
C ASN B 216 -32.81 -1.22 3.30
N THR B 217 -32.20 -1.88 4.27
CA THR B 217 -32.80 -2.07 5.59
C THR B 217 -32.10 -1.17 6.59
N LYS B 218 -32.88 -0.46 7.39
CA LYS B 218 -32.40 0.31 8.53
C LYS B 218 -33.36 -0.01 9.67
N VAL B 219 -32.87 -0.67 10.71
CA VAL B 219 -33.68 -1.07 11.85
C VAL B 219 -33.26 -0.26 13.07
N ASP B 220 -34.26 0.31 13.76
CA ASP B 220 -34.08 0.93 15.08
C ASP B 220 -34.81 0.07 16.10
N LYS B 221 -34.06 -0.66 16.92
CA LYS B 221 -34.63 -1.56 17.91
C LYS B 221 -34.43 -0.98 19.30
N ARG B 222 -35.52 -0.73 20.02
CA ARG B 222 -35.45 -0.24 21.38
C ARG B 222 -35.14 -1.39 22.31
N VAL B 223 -34.15 -1.21 23.17
CA VAL B 223 -33.75 -2.23 24.13
C VAL B 223 -34.14 -1.73 25.52
N GLU B 224 -35.23 -2.29 26.08
CA GLU B 224 -35.76 -1.95 27.39
C GLU B 224 -35.64 -3.12 28.35
N PRO B 225 -35.57 -2.85 29.65
CA PRO B 225 -35.39 -3.94 30.61
C PRO B 225 -36.61 -4.85 30.69
N LYS B 226 -36.35 -6.12 31.04
CA LYS B 226 -37.41 -7.10 31.25
C LYS B 226 -38.26 -6.71 32.45
N SER B 227 -39.52 -6.34 32.22
CA SER B 227 -40.39 -5.88 33.29
C SER B 227 -41.54 -6.86 33.44
N CYS B 228 -41.59 -7.55 34.59
CA CYS B 228 -42.67 -8.51 34.86
C CYS B 228 -43.00 -8.59 36.35
N ASP C 1 6.21 -22.23 -8.52
CA ASP C 1 6.31 -20.95 -7.83
C ASP C 1 7.03 -21.13 -6.49
N ILE C 2 7.68 -20.06 -6.03
CA ILE C 2 8.53 -20.12 -4.86
C ILE C 2 7.68 -20.14 -3.60
N GLN C 3 7.84 -21.18 -2.79
CA GLN C 3 7.07 -21.36 -1.57
C GLN C 3 7.79 -20.65 -0.42
N MET C 4 7.12 -19.69 0.22
CA MET C 4 7.65 -19.02 1.40
C MET C 4 6.96 -19.59 2.64
N THR C 5 7.77 -19.99 3.63
CA THR C 5 7.26 -20.53 4.88
C THR C 5 7.63 -19.59 6.01
N GLN C 6 6.62 -19.20 6.79
CA GLN C 6 6.78 -18.30 7.92
C GLN C 6 6.67 -19.08 9.23
N SER C 7 7.34 -18.55 10.26
CA SER C 7 7.43 -19.26 11.54
C SER C 7 7.55 -18.25 12.67
N PRO C 8 6.69 -18.30 13.67
CA PRO C 8 5.57 -19.24 13.74
C PRO C 8 4.32 -18.63 13.10
N SER C 9 3.16 -19.25 13.30
CA SER C 9 1.91 -18.71 12.76
C SER C 9 1.29 -17.67 13.68
N SER C 10 1.31 -17.93 14.99
CA SER C 10 0.79 -17.01 15.98
C SER C 10 1.87 -16.76 17.02
N LEU C 11 1.80 -15.59 17.64
CA LEU C 11 2.79 -15.24 18.64
C LEU C 11 2.17 -14.25 19.62
N SER C 12 2.33 -14.53 20.91
CA SER C 12 1.90 -13.62 21.95
C SER C 12 3.14 -13.21 22.73
N ALA C 13 3.30 -11.91 22.93
CA ALA C 13 4.52 -11.38 23.53
C ALA C 13 4.15 -10.22 24.44
N SER C 14 4.87 -10.08 25.55
CA SER C 14 4.64 -8.93 26.40
C SER C 14 5.23 -7.67 25.76
N VAL C 15 4.70 -6.51 26.15
CA VAL C 15 5.27 -5.26 25.67
C VAL C 15 6.74 -5.19 26.08
N GLY C 16 7.55 -4.57 25.24
CA GLY C 16 8.97 -4.48 25.50
C GLY C 16 9.77 -5.73 25.17
N ASP C 17 9.12 -6.87 24.95
CA ASP C 17 9.85 -8.08 24.57
C ASP C 17 10.35 -7.97 23.12
N ARG C 18 11.12 -8.98 22.72
CA ARG C 18 11.71 -9.07 21.39
C ARG C 18 11.12 -10.27 20.67
N VAL C 19 10.75 -10.08 19.40
CA VAL C 19 10.03 -11.07 18.64
C VAL C 19 10.76 -11.34 17.33
N THR C 20 10.90 -12.62 16.98
CA THR C 20 11.67 -13.05 15.82
C THR C 20 10.77 -13.87 14.91
N ILE C 21 10.50 -13.32 13.72
CA ILE C 21 9.65 -13.95 12.72
C ILE C 21 10.54 -14.39 11.57
N THR C 22 10.53 -15.68 11.29
CA THR C 22 11.34 -16.28 10.22
C THR C 22 10.51 -16.42 8.96
N CYS C 23 11.13 -16.12 7.82
CA CYS C 23 10.63 -16.52 6.51
C CYS C 23 11.69 -17.30 5.79
N ARG C 24 11.31 -18.47 5.30
CA ARG C 24 12.21 -19.37 4.59
C ARG C 24 11.72 -19.50 3.16
N ALA C 25 12.59 -19.22 2.19
CA ALA C 25 12.22 -19.30 0.79
C ALA C 25 12.51 -20.69 0.24
N GLY C 26 11.72 -21.09 -0.76
CA GLY C 26 11.95 -22.38 -1.39
C GLY C 26 13.31 -22.49 -2.05
N GLN C 27 13.71 -21.43 -2.75
CA GLN C 27 14.94 -21.39 -3.51
C GLN C 27 15.59 -20.04 -3.26
N ASN C 28 16.80 -19.86 -3.80
CA ASN C 28 17.52 -18.62 -3.55
C ASN C 28 16.80 -17.47 -4.23
N ILE C 29 16.45 -16.45 -3.45
CA ILE C 29 15.85 -15.22 -3.96
C ILE C 29 16.73 -14.02 -3.65
N ASN C 30 17.97 -14.30 -3.27
CA ASN C 30 18.92 -13.28 -2.87
C ASN C 30 18.33 -12.42 -1.76
N ASN C 31 18.02 -11.16 -2.06
CA ASN C 31 17.46 -10.20 -1.11
C ASN C 31 16.18 -9.55 -1.62
N TYR C 32 15.53 -10.17 -2.62
CA TYR C 32 14.27 -9.67 -3.17
C TYR C 32 13.12 -10.14 -2.28
N LEU C 33 12.97 -9.46 -1.15
CA LEU C 33 12.03 -9.86 -0.12
C LEU C 33 11.51 -8.62 0.58
N ASN C 34 10.19 -8.54 0.75
CA ASN C 34 9.55 -7.44 1.46
C ASN C 34 8.78 -7.98 2.65
N TRP C 35 8.53 -7.11 3.62
CA TRP C 35 7.75 -7.41 4.81
C TRP C 35 6.58 -6.43 4.90
N TYR C 36 5.37 -6.96 4.85
CA TYR C 36 4.18 -6.15 5.02
C TYR C 36 3.62 -6.33 6.43
N GLN C 37 3.08 -5.25 6.97
CA GLN C 37 2.32 -5.29 8.22
C GLN C 37 0.85 -5.10 7.88
N GLN C 38 -0.01 -5.90 8.51
CA GLN C 38 -1.45 -5.84 8.24
C GLN C 38 -2.22 -5.72 9.56
N LYS C 39 -2.78 -4.54 9.80
CA LYS C 39 -3.69 -4.44 10.94
C LYS C 39 -5.09 -4.91 10.50
N PRO C 40 -5.84 -5.56 11.39
CA PRO C 40 -7.13 -6.13 10.97
C PRO C 40 -8.11 -5.06 10.51
N GLY C 41 -8.78 -5.34 9.39
CA GLY C 41 -9.70 -4.40 8.78
C GLY C 41 -9.08 -3.41 7.83
N LYS C 42 -7.78 -3.52 7.55
CA LYS C 42 -7.07 -2.54 6.73
C LYS C 42 -6.15 -3.28 5.76
N ALA C 43 -5.79 -2.59 4.68
CA ALA C 43 -4.84 -3.16 3.71
C ALA C 43 -3.43 -3.20 4.31
N PRO C 44 -2.61 -4.17 3.88
CA PRO C 44 -1.23 -4.20 4.37
C PRO C 44 -0.41 -3.05 3.83
N LYS C 45 0.54 -2.60 4.64
CA LYS C 45 1.52 -1.63 4.17
C LYS C 45 2.91 -2.21 4.40
N VAL C 46 3.79 -1.98 3.43
CA VAL C 46 5.16 -2.48 3.53
C VAL C 46 5.86 -1.76 4.67
N LEU C 47 6.78 -2.47 5.34
CA LEU C 47 7.51 -1.85 6.43
C LEU C 47 8.99 -2.06 6.23
N ILE C 48 9.35 -3.12 5.53
CA ILE C 48 10.74 -3.40 5.19
C ILE C 48 10.80 -3.88 3.75
N TYR C 49 11.67 -3.27 2.95
CA TYR C 49 11.90 -3.73 1.60
C TYR C 49 13.33 -4.21 1.44
N ALA C 50 13.56 -4.98 0.37
CA ALA C 50 14.87 -5.53 0.02
C ALA C 50 15.55 -6.14 1.25
N ALA C 51 14.87 -7.11 1.84
CA ALA C 51 15.37 -7.86 2.99
C ALA C 51 15.58 -7.02 4.24
N SER C 52 16.19 -5.83 4.12
CA SER C 52 16.77 -5.18 5.30
C SER C 52 16.61 -3.68 5.36
N ASN C 53 15.82 -3.05 4.48
CA ASN C 53 15.68 -1.59 4.46
C ASN C 53 14.34 -1.16 5.06
N LEU C 54 14.40 -0.29 6.07
CA LEU C 54 13.21 0.20 6.75
C LEU C 54 12.49 1.21 5.88
N GLN C 55 11.24 0.90 5.52
CA GLN C 55 10.39 1.87 4.84
C GLN C 55 10.27 3.15 5.67
N SER C 56 9.97 4.24 4.99
CA SER C 56 9.86 5.55 5.63
C SER C 56 8.80 5.54 6.72
N GLY C 57 9.07 6.24 7.81
CA GLY C 57 8.14 6.38 8.90
C GLY C 57 8.07 5.21 9.86
N VAL C 58 8.77 4.12 9.59
CA VAL C 58 8.69 2.91 10.40
C VAL C 58 9.68 3.02 11.57
N PRO C 59 9.24 2.70 12.79
CA PRO C 59 10.15 2.86 13.94
C PRO C 59 11.37 1.96 13.80
N SER C 60 12.49 2.47 14.30
CA SER C 60 13.74 1.73 14.25
C SER C 60 13.68 0.41 15.02
N ARG C 61 12.60 0.17 15.75
CA ARG C 61 12.47 -1.09 16.49
C ARG C 61 12.36 -2.27 15.53
N PHE C 62 11.67 -2.08 14.41
CA PHE C 62 11.64 -3.09 13.36
C PHE C 62 12.98 -3.14 12.65
N SER C 63 13.35 -4.34 12.18
CA SER C 63 14.58 -4.53 11.44
C SER C 63 14.55 -5.87 10.73
N GLY C 64 14.97 -5.88 9.46
CA GLY C 64 15.03 -7.08 8.66
C GLY C 64 16.46 -7.47 8.35
N SER C 65 16.67 -8.76 8.11
CA SER C 65 18.00 -9.28 7.83
C SER C 65 17.87 -10.61 7.12
N GLY C 66 18.93 -11.00 6.43
CA GLY C 66 19.00 -12.28 5.76
C GLY C 66 19.08 -12.13 4.24
N SER C 67 19.74 -13.09 3.60
CA SER C 67 19.87 -13.12 2.15
C SER C 67 19.83 -14.56 1.67
N GLY C 68 19.19 -14.78 0.51
CA GLY C 68 19.16 -16.11 -0.08
C GLY C 68 17.91 -16.93 0.21
N THR C 69 17.82 -17.52 1.40
CA THR C 69 16.68 -18.39 1.68
C THR C 69 16.11 -18.16 3.08
N ASP C 70 16.94 -17.80 4.05
CA ASP C 70 16.49 -17.59 5.43
C ASP C 70 16.41 -16.11 5.74
N PHE C 71 15.22 -15.64 6.08
CA PHE C 71 15.01 -14.23 6.39
C PHE C 71 14.30 -14.10 7.72
N THR C 72 14.66 -13.08 8.50
CA THR C 72 14.00 -12.83 9.77
C THR C 72 13.53 -11.39 9.86
N LEU C 73 12.48 -11.19 10.64
CA LEU C 73 11.99 -9.88 11.03
C LEU C 73 12.08 -9.79 12.54
N THR C 74 12.63 -8.69 13.04
CA THR C 74 12.88 -8.55 14.47
C THR C 74 12.34 -7.21 14.94
N ILE C 75 11.44 -7.26 15.91
CA ILE C 75 10.98 -6.09 16.63
C ILE C 75 11.73 -6.10 17.95
N SER C 76 12.66 -5.16 18.12
CA SER C 76 13.52 -5.15 19.30
C SER C 76 12.70 -5.12 20.56
N SER C 77 11.92 -4.05 20.76
CA SER C 77 11.08 -3.85 21.94
C SER C 77 9.64 -3.66 21.52
N LEU C 78 8.84 -4.72 21.68
CA LEU C 78 7.44 -4.68 21.25
C LEU C 78 6.71 -3.52 21.90
N GLN C 79 5.72 -2.99 21.20
CA GLN C 79 4.89 -1.89 21.67
C GLN C 79 3.42 -2.23 21.51
N PRO C 80 2.55 -1.63 22.33
CA PRO C 80 1.10 -1.89 22.19
C PRO C 80 0.57 -1.77 20.77
N GLU C 81 1.03 -0.79 20.00
CA GLU C 81 0.50 -0.57 18.65
C GLU C 81 1.15 -1.45 17.58
N ASP C 82 1.97 -2.42 17.97
CA ASP C 82 2.58 -3.30 16.99
C ASP C 82 1.75 -4.56 16.74
N PHE C 83 0.61 -4.71 17.41
CA PHE C 83 -0.32 -5.81 17.11
C PHE C 83 -0.69 -5.80 15.64
N ALA C 84 -0.55 -6.98 15.00
CA ALA C 84 -0.91 -7.18 13.60
C ALA C 84 -0.56 -8.58 13.13
N THR C 85 -0.82 -8.87 11.86
CA THR C 85 -0.24 -10.02 11.19
C THR C 85 0.82 -9.52 10.22
N TYR C 86 1.96 -10.20 10.19
CA TYR C 86 3.11 -9.80 9.40
C TYR C 86 3.34 -10.82 8.29
N TYR C 87 3.52 -10.34 7.07
CA TYR C 87 3.71 -11.20 5.92
C TYR C 87 5.01 -10.89 5.20
N CYS C 88 5.73 -11.94 4.84
CA CYS C 88 6.87 -11.83 3.97
C CYS C 88 6.46 -12.19 2.54
N GLN C 89 7.14 -11.58 1.57
CA GLN C 89 6.78 -11.72 0.16
C GLN C 89 8.03 -11.55 -0.69
N GLN C 90 8.33 -12.57 -1.49
CA GLN C 90 9.48 -12.50 -2.38
C GLN C 90 9.12 -11.75 -3.65
N SER C 91 10.06 -10.94 -4.12
CA SER C 91 9.91 -10.21 -5.37
C SER C 91 11.00 -10.61 -6.35
N HIS C 92 11.45 -11.87 -6.26
CA HIS C 92 12.48 -12.38 -7.17
C HIS C 92 11.87 -12.87 -8.48
N SER C 93 10.71 -13.50 -8.42
CA SER C 93 10.01 -13.91 -9.63
C SER C 93 8.89 -12.93 -9.94
N THR C 94 8.51 -12.87 -11.21
CA THR C 94 7.38 -12.03 -11.54
C THR C 94 6.10 -12.54 -10.92
N VAL C 95 6.03 -13.84 -10.62
CA VAL C 95 4.87 -14.41 -9.94
C VAL C 95 5.17 -14.28 -8.45
N ARG C 96 4.53 -13.31 -7.81
CA ARG C 96 4.80 -13.02 -6.41
C ARG C 96 4.13 -14.04 -5.51
N THR C 97 4.83 -14.44 -4.45
CA THR C 97 4.31 -15.41 -3.49
C THR C 97 4.48 -14.88 -2.08
N PHE C 98 3.50 -15.15 -1.22
CA PHE C 98 3.48 -14.64 0.15
C PHE C 98 3.78 -15.75 1.16
N GLY C 99 4.15 -15.31 2.37
CA GLY C 99 4.22 -16.23 3.48
C GLY C 99 2.85 -16.43 4.13
N GLN C 100 2.78 -17.44 5.01
CA GLN C 100 1.51 -17.78 5.65
C GLN C 100 1.07 -16.73 6.67
N GLY C 101 1.97 -15.88 7.13
CA GLY C 101 1.62 -14.79 8.04
C GLY C 101 1.93 -15.13 9.48
N THR C 102 2.22 -14.10 10.26
CA THR C 102 2.47 -14.24 11.68
C THR C 102 1.65 -13.20 12.41
N LYS C 103 0.56 -13.64 13.05
CA LYS C 103 -0.23 -12.76 13.90
C LYS C 103 0.46 -12.64 15.26
N VAL C 104 0.64 -11.41 15.74
CA VAL C 104 1.27 -11.14 17.03
C VAL C 104 0.26 -10.46 17.94
N GLU C 105 0.24 -10.87 19.22
CA GLU C 105 -0.74 -10.38 20.17
C GLU C 105 -0.05 -9.98 21.45
N ILE C 106 -0.67 -9.04 22.15
CA ILE C 106 -0.10 -8.46 23.37
C ILE C 106 -0.41 -9.38 24.54
N LYS C 107 0.62 -9.99 25.11
CA LYS C 107 0.43 -10.74 26.34
C LYS C 107 0.23 -9.79 27.52
N ARG C 108 -0.51 -10.24 28.52
CA ARG C 108 -0.76 -9.43 29.70
C ARG C 108 -1.20 -10.35 30.85
N THR C 109 -1.58 -9.73 31.96
CA THR C 109 -1.99 -10.49 33.14
C THR C 109 -3.31 -11.21 32.87
N VAL C 110 -3.41 -12.44 33.41
CA VAL C 110 -4.65 -13.20 33.36
C VAL C 110 -5.80 -12.37 33.93
N ALA C 111 -6.95 -12.40 33.25
CA ALA C 111 -8.13 -11.66 33.69
C ALA C 111 -9.35 -12.55 33.56
N ALA C 112 -10.29 -12.41 34.49
CA ALA C 112 -11.39 -13.36 34.46
C ALA C 112 -12.59 -12.77 33.75
N PRO C 113 -13.33 -13.59 33.02
CA PRO C 113 -14.50 -13.06 32.30
C PRO C 113 -15.66 -12.82 33.25
N SER C 114 -16.42 -11.78 32.97
CA SER C 114 -17.72 -11.60 33.59
C SER C 114 -18.77 -12.20 32.68
N VAL C 115 -19.50 -13.19 33.18
CA VAL C 115 -20.40 -14.02 32.39
C VAL C 115 -21.83 -13.53 32.58
N PHE C 116 -22.50 -13.19 31.48
CA PHE C 116 -23.92 -12.81 31.50
C PHE C 116 -24.68 -13.62 30.46
N ILE C 117 -25.85 -14.12 30.84
CA ILE C 117 -26.70 -14.94 29.98
C ILE C 117 -28.00 -14.18 29.71
N PHE C 118 -28.44 -14.21 28.45
CA PHE C 118 -29.69 -13.57 28.04
C PHE C 118 -30.64 -14.60 27.48
N PRO C 119 -31.79 -14.84 28.09
CA PRO C 119 -32.83 -15.64 27.45
C PRO C 119 -33.30 -14.98 26.16
N PRO C 120 -33.98 -15.70 25.29
CA PRO C 120 -34.45 -15.09 24.04
C PRO C 120 -35.55 -14.08 24.29
N SER C 121 -35.63 -13.09 23.41
CA SER C 121 -36.63 -12.03 23.54
C SER C 121 -38.00 -12.54 23.13
N ASP C 122 -39.05 -11.95 23.71
CA ASP C 122 -40.41 -12.37 23.37
C ASP C 122 -40.68 -12.19 21.89
N GLU C 123 -40.10 -11.15 21.28
CA GLU C 123 -40.31 -10.93 19.85
C GLU C 123 -39.78 -12.11 19.04
N GLN C 124 -38.55 -12.53 19.30
CA GLN C 124 -37.97 -13.65 18.55
C GLN C 124 -38.72 -14.96 18.83
N LEU C 125 -39.22 -15.14 20.05
CA LEU C 125 -40.01 -16.33 20.35
C LEU C 125 -41.26 -16.38 19.48
N LYS C 126 -41.82 -15.21 19.14
CA LYS C 126 -42.95 -15.16 18.24
C LYS C 126 -42.61 -15.65 16.84
N SER C 127 -41.35 -15.48 16.41
CA SER C 127 -40.92 -15.90 15.08
C SER C 127 -40.81 -17.40 14.93
N GLY C 128 -40.76 -18.15 16.03
CA GLY C 128 -40.58 -19.59 15.97
C GLY C 128 -39.18 -20.06 16.23
N THR C 129 -38.25 -19.17 16.53
CA THR C 129 -36.86 -19.53 16.78
C THR C 129 -36.36 -18.81 18.01
N ALA C 130 -35.48 -19.48 18.75
CA ALA C 130 -35.07 -19.02 20.06
C ALA C 130 -33.55 -19.07 20.17
N SER C 131 -32.94 -17.93 20.49
CA SER C 131 -31.50 -17.82 20.61
C SER C 131 -31.17 -17.44 22.04
N VAL C 132 -30.35 -18.26 22.69
CA VAL C 132 -29.82 -17.96 24.01
C VAL C 132 -28.39 -17.47 23.84
N VAL C 133 -28.07 -16.33 24.44
CA VAL C 133 -26.77 -15.70 24.28
C VAL C 133 -26.09 -15.68 25.63
N CYS C 134 -24.91 -16.28 25.69
CA CYS C 134 -24.03 -16.21 26.84
C CYS C 134 -22.86 -15.31 26.46
N LEU C 135 -22.52 -14.40 27.36
CA LEU C 135 -21.59 -13.32 27.09
C LEU C 135 -20.42 -13.40 28.07
N LEU C 136 -19.20 -13.33 27.55
CA LEU C 136 -17.99 -13.23 28.35
C LEU C 136 -17.32 -11.91 28.01
N ASN C 137 -17.29 -10.98 28.96
CA ASN C 137 -16.70 -9.67 28.75
C ASN C 137 -15.30 -9.62 29.35
N ASN C 138 -14.35 -9.09 28.58
CA ASN C 138 -13.07 -8.56 29.08
C ASN C 138 -12.31 -9.61 29.89
N PHE C 139 -11.72 -10.55 29.16
CA PHE C 139 -10.92 -11.59 29.78
C PHE C 139 -9.64 -11.78 28.99
N TYR C 140 -8.70 -12.46 29.62
CA TYR C 140 -7.45 -12.88 29.01
C TYR C 140 -6.95 -14.08 29.79
N PRO C 141 -6.28 -15.04 29.14
CA PRO C 141 -6.00 -15.19 27.70
C PRO C 141 -7.24 -15.61 26.90
N ARG C 142 -7.07 -15.84 25.61
CA ARG C 142 -8.21 -16.12 24.74
C ARG C 142 -8.90 -17.44 25.08
N GLU C 143 -8.16 -18.45 25.50
CA GLU C 143 -8.72 -19.79 25.67
C GLU C 143 -9.81 -19.80 26.73
N ALA C 144 -11.02 -20.19 26.32
CA ALA C 144 -12.18 -20.26 27.20
C ALA C 144 -13.13 -21.32 26.68
N LYS C 145 -13.61 -22.19 27.57
CA LYS C 145 -14.52 -23.27 27.19
C LYS C 145 -15.92 -22.96 27.72
N VAL C 146 -16.88 -22.85 26.80
CA VAL C 146 -18.27 -22.56 27.12
C VAL C 146 -19.11 -23.79 26.81
N GLN C 147 -19.94 -24.21 27.76
CA GLN C 147 -20.72 -25.43 27.64
C GLN C 147 -22.15 -25.14 28.07
N TRP C 148 -23.09 -25.24 27.13
CA TRP C 148 -24.50 -25.08 27.43
C TRP C 148 -25.10 -26.37 27.98
N LYS C 149 -25.84 -26.27 29.07
CA LYS C 149 -26.68 -27.36 29.56
C LYS C 149 -28.13 -26.89 29.57
N VAL C 150 -29.04 -27.78 29.18
CA VAL C 150 -30.48 -27.50 29.16
C VAL C 150 -31.17 -28.66 29.86
N ASP C 151 -31.77 -28.40 31.02
CA ASP C 151 -32.35 -29.45 31.87
C ASP C 151 -31.32 -30.54 32.17
N ASN C 152 -30.10 -30.12 32.45
CA ASN C 152 -28.95 -30.95 32.78
C ASN C 152 -28.41 -31.76 31.60
N ALA C 153 -28.99 -31.63 30.41
CA ALA C 153 -28.47 -32.29 29.22
C ALA C 153 -27.37 -31.44 28.58
N LEU C 154 -26.23 -32.07 28.32
CA LEU C 154 -25.12 -31.38 27.66
C LEU C 154 -25.42 -31.16 26.18
N GLN C 155 -25.48 -29.90 25.78
CA GLN C 155 -25.74 -29.56 24.38
C GLN C 155 -24.50 -29.77 23.51
N SER C 156 -24.73 -30.11 22.24
CA SER C 156 -23.67 -30.07 21.24
C SER C 156 -24.29 -29.88 19.86
N GLY C 157 -23.62 -29.09 19.03
CA GLY C 157 -24.06 -28.85 17.67
C GLY C 157 -25.00 -27.68 17.48
N ASN C 158 -25.58 -27.14 18.54
CA ASN C 158 -26.55 -26.05 18.40
C ASN C 158 -26.05 -24.74 18.96
N SER C 159 -24.73 -24.50 18.92
CA SER C 159 -24.19 -23.29 19.50
C SER C 159 -23.02 -22.79 18.69
N GLN C 160 -22.89 -21.48 18.58
CA GLN C 160 -21.83 -20.87 17.80
C GLN C 160 -21.15 -19.78 18.59
N GLU C 161 -19.83 -19.74 18.49
CA GLU C 161 -18.99 -18.86 19.28
C GLU C 161 -18.42 -17.77 18.40
N SER C 162 -18.29 -16.58 18.95
CA SER C 162 -17.72 -15.47 18.23
C SER C 162 -16.89 -14.65 19.20
N VAL C 163 -15.71 -14.22 18.78
CA VAL C 163 -14.73 -13.61 19.68
C VAL C 163 -14.21 -12.33 19.04
N THR C 164 -14.02 -11.30 19.86
CA THR C 164 -13.51 -10.04 19.38
C THR C 164 -11.98 -10.09 19.28
N GLU C 165 -11.42 -9.15 18.51
CA GLU C 165 -9.99 -8.91 18.54
C GLU C 165 -9.60 -8.35 19.92
N GLN C 166 -8.29 -8.36 20.21
CA GLN C 166 -7.83 -7.75 21.45
C GLN C 166 -8.33 -6.32 21.59
N ASP C 167 -8.64 -5.92 22.82
CA ASP C 167 -9.10 -4.57 23.05
C ASP C 167 -7.93 -3.61 23.01
N SER C 168 -8.15 -2.42 22.46
CA SER C 168 -7.04 -1.50 22.25
C SER C 168 -6.43 -1.02 23.56
N LYS C 169 -7.24 -0.94 24.61
CA LYS C 169 -6.70 -0.34 25.82
C LYS C 169 -6.24 -1.40 26.81
N ASP C 170 -7.06 -2.42 27.04
CA ASP C 170 -6.83 -3.38 28.11
C ASP C 170 -6.39 -4.75 27.61
N SER C 171 -6.30 -4.94 26.29
CA SER C 171 -5.76 -6.16 25.69
C SER C 171 -6.58 -7.40 26.00
N THR C 172 -7.83 -7.24 26.41
CA THR C 172 -8.70 -8.37 26.69
C THR C 172 -9.57 -8.72 25.48
N TYR C 173 -10.14 -9.92 25.54
CA TYR C 173 -11.10 -10.39 24.55
C TYR C 173 -12.51 -10.39 25.13
N SER C 174 -13.48 -10.47 24.25
CA SER C 174 -14.86 -10.75 24.63
C SER C 174 -15.41 -11.81 23.69
N LEU C 175 -16.18 -12.73 24.24
CA LEU C 175 -16.74 -13.83 23.47
C LEU C 175 -18.24 -13.87 23.68
N SER C 176 -18.97 -14.29 22.64
CA SER C 176 -20.39 -14.60 22.74
C SER C 176 -20.62 -16.03 22.28
N SER C 177 -21.57 -16.70 22.93
CA SER C 177 -21.92 -18.07 22.57
C SER C 177 -23.44 -18.13 22.42
N THR C 178 -23.90 -18.38 21.21
CA THR C 178 -25.33 -18.36 20.90
C THR C 178 -25.83 -19.78 20.71
N LEU C 179 -26.79 -20.18 21.53
CA LEU C 179 -27.41 -21.49 21.45
C LEU C 179 -28.75 -21.34 20.76
N THR C 180 -29.00 -22.15 19.74
CA THR C 180 -30.15 -22.00 18.86
C THR C 180 -31.03 -23.25 18.93
N LEU C 181 -32.26 -23.08 19.44
CA LEU C 181 -33.25 -24.14 19.49
C LEU C 181 -34.54 -23.65 18.82
N SER C 182 -35.37 -24.59 18.38
CA SER C 182 -36.67 -24.20 17.89
C SER C 182 -37.56 -23.76 19.05
N LYS C 183 -38.54 -22.91 18.74
CA LYS C 183 -39.49 -22.48 19.76
C LYS C 183 -40.11 -23.69 20.48
N ALA C 184 -40.44 -24.73 19.73
CA ALA C 184 -41.04 -25.92 20.33
C ALA C 184 -40.14 -26.54 21.38
N ASP C 185 -38.83 -26.58 21.11
CA ASP C 185 -37.91 -27.16 22.09
C ASP C 185 -37.64 -26.20 23.23
N TYR C 186 -37.58 -24.90 22.94
CA TYR C 186 -37.34 -23.94 24.01
C TYR C 186 -38.51 -23.89 24.99
N GLU C 187 -39.74 -23.90 24.49
CA GLU C 187 -40.87 -23.97 25.41
C GLU C 187 -40.97 -25.30 26.15
N LYS C 188 -40.14 -26.30 25.79
CA LYS C 188 -40.24 -27.63 26.44
C LYS C 188 -39.50 -27.72 27.76
N HIS C 189 -38.40 -26.99 27.93
CA HIS C 189 -37.49 -27.20 29.05
C HIS C 189 -37.49 -25.99 29.96
N LYS C 190 -36.84 -26.15 31.12
CA LYS C 190 -36.87 -25.15 32.18
C LYS C 190 -35.53 -24.49 32.44
N VAL C 191 -34.45 -25.26 32.60
CA VAL C 191 -33.20 -24.76 33.16
C VAL C 191 -32.18 -24.61 32.02
N TYR C 192 -31.88 -23.37 31.67
CA TYR C 192 -30.89 -23.03 30.65
C TYR C 192 -29.65 -22.52 31.36
N ALA C 193 -28.56 -23.27 31.26
CA ALA C 193 -27.34 -22.95 31.98
C ALA C 193 -26.18 -22.82 31.01
N CYS C 194 -25.25 -21.95 31.36
CA CYS C 194 -24.07 -21.70 30.54
C CYS C 194 -22.87 -21.78 31.46
N GLU C 195 -22.03 -22.81 31.27
CA GLU C 195 -20.91 -23.09 32.17
C GLU C 195 -19.58 -22.70 31.52
N VAL C 196 -18.89 -21.73 32.13
CA VAL C 196 -17.67 -21.16 31.57
C VAL C 196 -16.47 -21.64 32.37
N THR C 197 -15.46 -22.17 31.67
CA THR C 197 -14.20 -22.54 32.31
C THR C 197 -13.08 -21.67 31.75
N HIS C 198 -12.35 -21.00 32.65
CA HIS C 198 -11.30 -20.08 32.24
C HIS C 198 -10.21 -20.06 33.31
N GLN C 199 -8.97 -19.84 32.83
CA GLN C 199 -7.80 -19.91 33.70
C GLN C 199 -7.92 -18.95 34.88
N GLY C 200 -8.52 -17.79 34.68
CA GLY C 200 -8.70 -16.81 35.72
C GLY C 200 -9.85 -17.06 36.65
N LEU C 201 -10.54 -18.20 36.49
CA LEU C 201 -11.62 -18.59 37.38
C LEU C 201 -11.19 -19.80 38.20
N SER C 202 -11.36 -19.70 39.51
CA SER C 202 -10.97 -20.80 40.40
C SER C 202 -11.85 -22.04 40.16
N SER C 203 -13.15 -21.83 39.97
CA SER C 203 -14.11 -22.86 39.61
C SER C 203 -14.75 -22.50 38.28
N PRO C 204 -15.30 -23.48 37.55
CA PRO C 204 -16.08 -23.16 36.35
C PRO C 204 -17.35 -22.42 36.75
N VAL C 205 -17.53 -21.21 36.21
CA VAL C 205 -18.68 -20.37 36.55
C VAL C 205 -19.87 -20.79 35.70
N THR C 206 -21.03 -20.90 36.34
CA THR C 206 -22.26 -21.33 35.69
C THR C 206 -23.31 -20.24 35.85
N LYS C 207 -23.82 -19.73 34.73
CA LYS C 207 -24.94 -18.81 34.73
C LYS C 207 -26.19 -19.54 34.28
N SER C 208 -27.30 -19.29 34.97
CA SER C 208 -28.50 -20.09 34.80
C SER C 208 -29.74 -19.22 34.95
N PHE C 209 -30.77 -19.51 34.15
CA PHE C 209 -32.07 -18.88 34.33
C PHE C 209 -33.15 -19.94 34.11
N ASN C 210 -34.30 -19.72 34.73
CA ASN C 210 -35.47 -20.57 34.53
C ASN C 210 -36.40 -19.88 33.55
N ARG C 211 -36.88 -20.62 32.56
CA ARG C 211 -37.67 -20.03 31.51
C ARG C 211 -38.95 -19.41 32.06
N GLY C 212 -39.18 -18.15 31.71
CA GLY C 212 -40.39 -17.44 32.07
C GLY C 212 -40.26 -16.46 33.22
N GLU C 213 -39.17 -16.50 33.96
CA GLU C 213 -38.97 -15.62 35.09
C GLU C 213 -38.10 -14.43 34.68
N CYS C 214 -38.22 -13.34 35.43
CA CYS C 214 -37.56 -12.10 35.02
C CYS C 214 -36.78 -11.45 36.16
C1 NAG D . -1.53 12.38 -15.84
C2 NAG D . -2.49 11.69 -14.88
C3 NAG D . -3.68 12.60 -14.59
C4 NAG D . -3.23 13.99 -14.15
C5 NAG D . -2.24 14.55 -15.15
C6 NAG D . -1.72 15.92 -14.71
C7 NAG D . -2.69 9.22 -15.12
C8 NAG D . -3.03 8.19 -16.15
N2 NAG D . -3.01 10.47 -15.47
O3 NAG D . -4.46 12.00 -13.57
O4 NAG D . -4.36 14.87 -14.15
O5 NAG D . -1.15 13.65 -15.33
O6 NAG D . -1.30 15.85 -13.34
O7 NAG D . -2.19 8.89 -14.07
C1 NAG D . -4.84 15.21 -12.83
C2 NAG D . -5.91 16.30 -12.90
C3 NAG D . -6.45 16.59 -11.50
C4 NAG D . -6.98 15.32 -10.87
C5 NAG D . -5.85 14.29 -10.85
C6 NAG D . -6.30 12.96 -10.27
C7 NAG D . -5.33 17.78 -14.79
C8 NAG D . -4.13 18.57 -15.24
N2 NAG D . -5.39 17.53 -13.47
O3 NAG D . -7.48 17.59 -11.54
O4 NAG D . -7.52 15.57 -9.57
O5 NAG D . -5.39 14.06 -12.19
O6 NAG D . -7.22 12.37 -11.20
O7 NAG D . -6.19 17.39 -15.56
C1 NAG E . 15.70 6.17 0.97
C2 NAG E . 16.76 5.56 1.88
C3 NAG E . 16.31 5.52 3.34
C4 NAG E . 15.81 6.89 3.81
C5 NAG E . 14.75 7.36 2.82
C6 NAG E . 14.05 8.66 3.23
C7 NAG E . 18.25 3.74 1.26
C8 NAG E . 18.39 2.25 1.20
N2 NAG E . 17.01 4.22 1.39
O3 NAG E . 17.44 5.17 4.15
O4 NAG E . 15.24 6.81 5.13
O5 NAG E . 15.31 7.45 1.50
O6 NAG E . 14.88 9.79 2.98
O7 NAG E . 19.22 4.48 1.19
C1 NAG E . 16.09 7.32 6.20
C2 NAG E . 15.22 7.82 7.36
C3 NAG E . 16.07 8.28 8.54
C4 NAG E . 17.06 7.20 8.96
C5 NAG E . 17.88 6.79 7.74
C6 NAG E . 18.88 5.71 8.12
C7 NAG E . 13.07 8.82 6.83
C8 NAG E . 12.30 10.11 6.97
N2 NAG E . 14.39 8.93 6.93
O3 NAG E . 15.21 8.55 9.66
O4 NAG E . 17.95 7.71 9.99
O5 NAG E . 16.99 6.32 6.70
O6 NAG E . 19.76 6.20 9.15
O7 NAG E . 12.50 7.75 6.63
C1 BMA E . 17.55 7.25 11.30
C2 BMA E . 18.81 6.86 12.12
C3 BMA E . 18.37 6.34 13.51
C4 BMA E . 17.41 7.34 14.20
C5 BMA E . 16.26 7.75 13.24
C6 BMA E . 15.34 8.83 13.81
O2 BMA E . 19.66 7.99 12.34
O3 BMA E . 19.50 6.03 14.35
O4 BMA E . 16.86 6.74 15.36
O5 BMA E . 16.83 8.25 12.01
O6 BMA E . 14.04 8.64 13.25
C1 NAG F . 18.04 15.67 -5.55
C2 NAG F . 18.53 15.78 -4.10
C3 NAG F . 17.63 16.66 -3.25
C4 NAG F . 17.51 18.02 -3.90
C5 NAG F . 16.99 17.83 -5.33
C6 NAG F . 16.86 19.17 -6.05
C7 NAG F . 19.73 13.86 -3.31
C8 NAG F . 19.62 12.46 -2.76
N2 NAG F . 18.58 14.48 -3.45
O3 NAG F . 18.22 16.79 -1.96
O4 NAG F . 16.65 18.84 -3.10
O5 NAG F . 17.89 17.00 -6.07
O6 NAG F . 18.18 19.67 -6.29
O7 NAG F . 20.80 14.37 -3.63
C1 NAG F . 17.32 20.01 -2.60
C2 NAG F . 16.24 21.01 -2.18
C3 NAG F . 16.90 22.29 -1.63
C4 NAG F . 17.89 21.96 -0.52
C5 NAG F . 18.89 20.92 -1.04
C6 NAG F . 19.92 20.51 0.01
C7 NAG F . 14.33 20.63 -3.68
C8 NAG F . 13.68 21.04 -4.99
N2 NAG F . 15.40 21.35 -3.33
O3 NAG F . 15.88 23.16 -1.11
O4 NAG F . 18.54 23.20 -0.13
O5 NAG F . 18.19 19.75 -1.50
O6 NAG F . 19.25 20.06 1.20
O7 NAG F . 13.89 19.72 -3.01
C1 BMA F . 18.42 23.46 1.30
C2 BMA F . 19.40 24.62 1.68
C3 BMA F . 19.22 24.98 3.17
C4 BMA F . 17.73 25.22 3.51
C5 BMA F . 16.92 23.96 3.13
C6 BMA F . 15.45 24.09 3.47
O2 BMA F . 19.12 25.80 0.93
O3 BMA F . 20.00 26.11 3.54
O4 BMA F . 17.57 25.47 4.90
O5 BMA F . 17.08 23.75 1.70
O6 BMA F . 14.82 22.84 3.18
C1 NAG G . 31.13 -5.80 -15.40
C2 NAG G . 31.24 -5.84 -16.92
C3 NAG G . 32.02 -7.13 -17.22
C4 NAG G . 33.35 -7.16 -16.47
C5 NAG G . 33.13 -6.92 -14.99
C6 NAG G . 34.43 -6.88 -14.17
C7 NAG G . 29.71 -6.03 -18.84
C8 NAG G . 28.35 -6.56 -19.21
N2 NAG G . 29.93 -5.82 -17.55
O3 NAG G . 32.23 -7.34 -18.62
O4 NAG G . 33.92 -8.47 -16.65
O5 NAG G . 32.42 -5.71 -14.80
O6 NAG G . 35.12 -5.64 -14.37
O7 NAG G . 30.55 -5.81 -19.70
C1 NAG H . 35.82 0.80 -2.24
C2 NAG H . 36.07 -0.70 -2.27
C3 NAG H . 37.39 -1.06 -1.58
C4 NAG H . 38.52 -0.24 -2.20
C5 NAG H . 38.18 1.24 -2.06
C6 NAG H . 39.28 2.14 -2.63
C7 NAG H . 33.90 -1.78 -2.24
C8 NAG H . 32.72 -2.12 -1.36
N2 NAG H . 34.98 -1.37 -1.59
O3 NAG H . 37.65 -2.46 -1.71
O4 NAG H . 39.78 -0.56 -1.59
O5 NAG H . 36.95 1.50 -2.77
O6 NAG H . 39.25 2.07 -4.06
O7 NAG H . 33.85 -1.88 -3.46
C1 NAG I . 37.41 18.58 -10.51
C2 NAG I . 38.71 19.20 -10.01
C3 NAG I . 38.93 18.79 -8.57
C4 NAG I . 37.70 19.11 -7.74
C5 NAG I . 36.46 18.49 -8.37
C6 NAG I . 35.20 18.79 -7.55
C7 NAG I . 40.22 19.51 -11.86
C8 NAG I . 41.48 19.06 -12.55
N2 NAG I . 39.83 18.77 -10.82
O3 NAG I . 40.03 19.53 -8.02
O4 NAG I . 37.89 18.53 -6.45
O5 NAG I . 36.31 18.99 -9.70
O6 NAG I . 34.86 20.17 -7.70
O7 NAG I . 39.58 20.48 -12.22
C1 NAG J . 4.63 20.88 -26.66
C2 NAG J . 4.14 21.52 -27.96
C3 NAG J . 4.11 23.00 -27.65
C4 NAG J . 3.30 23.30 -26.37
C5 NAG J . 3.75 22.44 -25.20
C6 NAG J . 2.91 22.66 -23.95
C7 NAG J . 4.84 20.91 -30.28
C8 NAG J . 3.56 20.19 -30.58
N2 NAG J . 5.10 21.21 -29.01
O3 NAG J . 3.58 23.75 -28.75
O4 NAG J . 3.54 24.65 -25.98
O5 NAG J . 3.72 21.05 -25.56
O6 NAG J . 1.62 22.02 -24.10
O7 NAG J . 5.62 21.20 -31.17
C1 NAG K . 25.73 -13.11 -10.55
C2 NAG K . 27.16 -12.58 -10.53
C3 NAG K . 27.91 -13.14 -9.33
C4 NAG K . 27.10 -12.93 -8.06
C5 NAG K . 25.69 -13.48 -8.21
C6 NAG K . 24.83 -13.26 -6.96
C7 NAG K . 28.93 -12.35 -12.25
C8 NAG K . 28.73 -11.22 -13.21
N2 NAG K . 27.82 -12.94 -11.78
O3 NAG K . 29.16 -12.48 -9.19
O4 NAG K . 27.76 -13.58 -6.96
O5 NAG K . 25.07 -12.84 -9.32
O6 NAG K . 24.69 -11.86 -6.69
O7 NAG K . 30.05 -12.72 -11.92
BR BR L . 11.19 18.37 -19.02
BR BR M . 37.85 22.45 -6.60
BR BR N . 7.76 1.70 -22.67
BR BR O . 3.03 6.54 -6.23
BR BR P . 0.73 -16.46 -2.50
BR BR Q . 4.61 0.95 -12.23
BR BR R . 10.24 -23.51 -3.89
#